data_3H89
#
_entry.id   3H89
#
_cell.length_a   99.404
_cell.length_b   61.075
_cell.length_c   205.184
_cell.angle_alpha   90.00
_cell.angle_beta   89.91
_cell.angle_gamma   90.00
#
_symmetry.space_group_name_H-M   'C 1 2 1'
#
loop_
_entity.id
_entity.type
_entity.pdbx_description
1 polymer 'Cathepsin L1'
2 non-polymer N~2~,N~6~-bis(biphenyl-4-ylacetyl)-L-lysyl-D-arginyl-N-(2-phenylethyl)-L-tyrosinamide
3 water water
#
_entity_poly.entity_id   1
_entity_poly.type   'polypeptide(L)'
_entity_poly.pdbx_seq_one_letter_code
;APRSVDWREKGYVTPVKNQGQCGSCWAFSATGALEGQMFRKTGRLISLSEQNLVDCSGPQGNEGCNGGLMDYAFQYVQDN
GGLDSEESYPYEATEESCKYNPKYSVANDTGFVDIPKQEKALMKAVATVGPISVAIDAGHESFLFYKEGIYFEPDCSSED
MDHGVLVVGYGFESTESDNNKYWLVKNSWGEEWGMGGYVKMAKDRRNHCGIASAASYPTV
;
_entity_poly.pdbx_strand_id   A,B,C,D,E,F
#
# COMPACT_ATOMS: atom_id res chain seq x y z
N ALA A 1 29.54 -38.34 76.78
CA ALA A 1 28.25 -37.68 77.11
C ALA A 1 28.42 -36.72 78.28
N PRO A 2 27.54 -35.71 78.38
CA PRO A 2 27.65 -34.74 79.48
C PRO A 2 27.72 -35.43 80.84
N ARG A 3 28.13 -34.68 81.85
CA ARG A 3 28.22 -35.18 83.22
C ARG A 3 26.84 -35.10 83.82
N SER A 4 26.05 -34.13 83.36
CA SER A 4 24.70 -33.92 83.86
C SER A 4 23.73 -33.53 82.74
N VAL A 5 22.48 -33.92 82.89
CA VAL A 5 21.44 -33.61 81.92
C VAL A 5 20.09 -33.49 82.63
N ASP A 6 19.29 -32.53 82.19
CA ASP A 6 17.98 -32.32 82.79
C ASP A 6 17.08 -31.63 81.76
N TRP A 7 16.26 -32.41 81.08
CA TRP A 7 15.36 -31.89 80.05
C TRP A 7 14.29 -30.94 80.56
N ARG A 8 14.11 -30.85 81.88
CA ARG A 8 13.12 -29.94 82.43
C ARG A 8 13.61 -28.52 82.15
N GLU A 9 14.93 -28.37 82.09
CA GLU A 9 15.55 -27.09 81.82
C GLU A 9 15.18 -26.54 80.46
N LYS A 10 14.95 -27.42 79.50
CA LYS A 10 14.61 -27.00 78.15
C LYS A 10 13.13 -27.08 77.77
N GLY A 11 12.29 -27.39 78.75
CA GLY A 11 10.86 -27.45 78.50
C GLY A 11 10.30 -28.73 77.87
N TYR A 12 10.94 -29.86 78.13
CA TYR A 12 10.50 -31.14 77.58
C TYR A 12 9.49 -31.85 78.47
N VAL A 13 9.44 -31.46 79.74
CA VAL A 13 8.59 -32.11 80.72
C VAL A 13 7.40 -31.32 81.27
N THR A 14 6.26 -32.01 81.40
CA THR A 14 5.04 -31.41 81.94
C THR A 14 5.04 -31.66 83.44
N PRO A 15 4.16 -30.97 84.20
CA PRO A 15 4.13 -31.17 85.65
C PRO A 15 3.87 -32.64 86.02
N VAL A 16 4.21 -33.00 87.25
CA VAL A 16 3.99 -34.35 87.73
C VAL A 16 2.48 -34.64 87.74
N LYS A 17 2.11 -35.85 87.35
CA LYS A 17 0.72 -36.25 87.32
C LYS A 17 0.48 -37.34 88.37
N ASN A 18 -0.78 -37.74 88.53
CA ASN A 18 -1.13 -38.77 89.50
C ASN A 18 -2.11 -39.79 88.92
N GLN A 19 -1.64 -41.03 88.77
CA GLN A 19 -2.45 -42.10 88.22
C GLN A 19 -3.51 -42.62 89.17
N GLY A 20 -3.38 -42.32 90.45
CA GLY A 20 -4.37 -42.79 91.41
C GLY A 20 -4.41 -44.31 91.51
N GLN A 21 -5.49 -44.82 92.08
CA GLN A 21 -5.66 -46.25 92.28
C GLN A 21 -6.05 -46.95 90.99
N CYS A 22 -5.11 -46.98 90.05
CA CYS A 22 -5.32 -47.59 88.74
C CYS A 22 -3.94 -47.93 88.18
N GLY A 23 -3.77 -49.18 87.75
CA GLY A 23 -2.48 -49.60 87.21
C GLY A 23 -2.19 -49.08 85.82
N SER A 24 -2.22 -47.76 85.65
CA SER A 24 -1.99 -47.15 84.35
C SER A 24 -0.64 -46.44 84.22
N CYS A 25 0.29 -46.77 85.12
CA CYS A 25 1.64 -46.18 85.10
C CYS A 25 2.30 -46.25 83.72
N TRP A 26 1.98 -47.29 82.96
CA TRP A 26 2.55 -47.45 81.63
C TRP A 26 2.06 -46.35 80.69
N ALA A 27 0.86 -45.86 80.97
CA ALA A 27 0.27 -44.79 80.17
C ALA A 27 0.93 -43.44 80.48
N PHE A 28 1.21 -43.20 81.76
CA PHE A 28 1.85 -41.95 82.16
C PHE A 28 3.31 -41.88 81.72
N SER A 29 3.96 -43.04 81.65
CA SER A 29 5.35 -43.11 81.22
C SER A 29 5.39 -42.82 79.72
N ALA A 30 4.46 -43.41 78.99
CA ALA A 30 4.38 -43.25 77.54
C ALA A 30 4.06 -41.82 77.13
N THR A 31 3.07 -41.23 77.78
CA THR A 31 2.70 -39.86 77.46
C THR A 31 3.89 -38.94 77.74
N GLY A 32 4.58 -39.20 78.85
CA GLY A 32 5.73 -38.39 79.20
C GLY A 32 6.77 -38.41 78.10
N ALA A 33 7.04 -39.60 77.56
CA ALA A 33 8.02 -39.74 76.50
C ALA A 33 7.52 -39.03 75.24
N LEU A 34 6.23 -39.22 74.94
CA LEU A 34 5.62 -38.60 73.78
C LEU A 34 5.62 -37.08 73.89
N GLU A 35 5.21 -36.57 75.05
CA GLU A 35 5.17 -35.13 75.27
C GLU A 35 6.57 -34.54 75.04
N GLY A 36 7.60 -35.32 75.36
CA GLY A 36 8.96 -34.87 75.18
C GLY A 36 9.41 -34.92 73.72
N GLN A 37 9.03 -35.98 73.02
CA GLN A 37 9.42 -36.11 71.63
C GLN A 37 8.62 -35.18 70.72
N MET A 38 7.36 -34.91 71.08
CA MET A 38 6.55 -33.99 70.28
C MET A 38 7.15 -32.60 70.47
N PHE A 39 7.58 -32.30 71.70
CA PHE A 39 8.16 -31.00 71.99
C PHE A 39 9.44 -30.78 71.17
N ARG A 40 10.31 -31.79 71.17
CA ARG A 40 11.57 -31.69 70.43
C ARG A 40 11.28 -31.36 68.96
N LYS A 41 10.22 -31.94 68.41
CA LYS A 41 9.85 -31.73 67.02
C LYS A 41 9.12 -30.43 66.69
N THR A 42 8.12 -30.09 67.51
CA THR A 42 7.32 -28.89 67.26
C THR A 42 7.61 -27.68 68.13
N GLY A 43 8.34 -27.89 69.23
CA GLY A 43 8.64 -26.79 70.12
C GLY A 43 7.44 -26.42 70.97
N ARG A 44 6.40 -27.27 70.93
CA ARG A 44 5.19 -27.04 71.72
C ARG A 44 4.92 -28.18 72.70
N LEU A 45 4.77 -27.83 73.98
CA LEU A 45 4.51 -28.81 75.03
C LEU A 45 3.01 -28.94 75.34
N ILE A 46 2.43 -30.07 74.93
CA ILE A 46 1.01 -30.33 75.18
C ILE A 46 0.86 -31.61 76.01
N SER A 47 0.11 -31.51 77.11
CA SER A 47 -0.14 -32.66 77.96
C SER A 47 -1.01 -33.63 77.17
N LEU A 48 -0.60 -34.91 77.12
CA LEU A 48 -1.35 -35.93 76.37
C LEU A 48 -2.27 -36.77 77.25
N SER A 49 -3.35 -37.28 76.66
CA SER A 49 -4.33 -38.08 77.40
C SER A 49 -3.93 -39.50 77.77
N GLU A 50 -3.82 -39.77 79.07
CA GLU A 50 -3.50 -41.12 79.53
C GLU A 50 -4.76 -41.97 79.42
N GLN A 51 -5.91 -41.33 79.67
CA GLN A 51 -7.19 -42.00 79.60
C GLN A 51 -7.42 -42.57 78.21
N ASN A 52 -7.01 -41.82 77.18
CA ASN A 52 -7.15 -42.24 75.79
C ASN A 52 -6.40 -43.57 75.63
N LEU A 53 -5.23 -43.66 76.24
CA LEU A 53 -4.43 -44.88 76.17
C LEU A 53 -5.07 -46.02 76.95
N VAL A 54 -5.59 -45.69 78.14
CA VAL A 54 -6.24 -46.67 78.99
C VAL A 54 -7.46 -47.33 78.35
N ASP A 55 -8.30 -46.53 77.70
CA ASP A 55 -9.52 -47.05 77.08
C ASP A 55 -9.37 -47.63 75.68
N CYS A 56 -8.35 -47.21 74.93
CA CYS A 56 -8.23 -47.65 73.55
C CYS A 56 -7.08 -48.56 73.13
N SER A 57 -6.08 -48.75 73.97
CA SER A 57 -4.95 -49.58 73.56
C SER A 57 -5.05 -51.06 73.89
N GLY A 58 -6.29 -51.53 74.08
CA GLY A 58 -6.49 -52.94 74.36
C GLY A 58 -6.03 -53.81 73.21
N PRO A 59 -6.30 -53.41 71.95
CA PRO A 59 -5.85 -54.23 70.82
C PRO A 59 -4.34 -54.40 70.72
N GLN A 60 -3.58 -53.41 71.21
CA GLN A 60 -2.12 -53.49 71.15
C GLN A 60 -1.55 -54.39 72.25
N GLY A 61 -2.41 -54.79 73.18
CA GLY A 61 -1.96 -55.65 74.26
C GLY A 61 -2.08 -55.07 75.65
N ASN A 62 -2.48 -53.80 75.76
CA ASN A 62 -2.62 -53.20 77.08
C ASN A 62 -3.89 -53.68 77.77
N GLU A 63 -3.95 -53.54 79.09
CA GLU A 63 -5.08 -53.98 79.89
C GLU A 63 -5.67 -52.92 80.83
N GLY A 64 -5.81 -51.70 80.33
CA GLY A 64 -6.37 -50.63 81.15
C GLY A 64 -5.67 -50.48 82.50
N CYS A 65 -6.46 -50.45 83.57
CA CYS A 65 -5.92 -50.28 84.92
C CYS A 65 -5.27 -51.54 85.50
N ASN A 66 -5.22 -52.60 84.72
CA ASN A 66 -4.61 -53.85 85.18
C ASN A 66 -3.18 -54.01 84.69
N GLY A 67 -2.73 -53.11 83.82
CA GLY A 67 -1.36 -53.21 83.35
C GLY A 67 -1.17 -52.99 81.86
N GLY A 68 0.08 -52.81 81.46
CA GLY A 68 0.41 -52.59 80.06
C GLY A 68 1.89 -52.33 79.88
N LEU A 69 2.28 -51.95 78.66
CA LEU A 69 3.67 -51.65 78.32
C LEU A 69 3.74 -50.31 77.60
N MET A 70 4.82 -49.58 77.78
CA MET A 70 4.98 -48.29 77.12
C MET A 70 5.04 -48.46 75.60
N ASP A 71 5.70 -49.53 75.17
CA ASP A 71 5.81 -49.81 73.74
C ASP A 71 4.46 -50.08 73.10
N TYR A 72 3.54 -50.69 73.85
CA TYR A 72 2.21 -50.97 73.32
C TYR A 72 1.48 -49.64 73.13
N ALA A 73 1.72 -48.70 74.04
CA ALA A 73 1.09 -47.39 73.95
C ALA A 73 1.58 -46.66 72.71
N PHE A 74 2.88 -46.76 72.44
CA PHE A 74 3.45 -46.10 71.27
C PHE A 74 2.87 -46.73 70.00
N GLN A 75 2.79 -48.05 70.01
CA GLN A 75 2.26 -48.80 68.88
C GLN A 75 0.82 -48.36 68.62
N TYR A 76 0.08 -48.12 69.70
CA TYR A 76 -1.29 -47.66 69.57
C TYR A 76 -1.33 -46.31 68.86
N VAL A 77 -0.61 -45.33 69.39
CA VAL A 77 -0.59 -44.01 68.79
C VAL A 77 -0.30 -44.12 67.30
N GLN A 78 0.59 -45.05 66.94
CA GLN A 78 0.94 -45.26 65.55
C GLN A 78 -0.21 -45.91 64.77
N ASP A 79 -0.74 -47.03 65.26
CA ASP A 79 -1.85 -47.71 64.57
C ASP A 79 -3.13 -46.87 64.56
N ASN A 80 -3.36 -46.11 65.63
CA ASN A 80 -4.54 -45.27 65.75
C ASN A 80 -4.51 -44.06 64.84
N GLY A 81 -3.31 -43.55 64.59
CA GLY A 81 -3.17 -42.39 63.74
C GLY A 81 -3.28 -41.09 64.53
N GLY A 82 -3.11 -41.19 65.84
CA GLY A 82 -3.17 -40.00 66.67
C GLY A 82 -3.39 -40.30 68.14
N LEU A 83 -3.43 -39.23 68.94
CA LEU A 83 -3.64 -39.32 70.37
C LEU A 83 -4.22 -37.98 70.85
N ASP A 84 -5.31 -38.03 71.59
CA ASP A 84 -5.94 -36.81 72.07
C ASP A 84 -5.17 -36.14 73.23
N SER A 85 -5.43 -34.85 73.41
CA SER A 85 -4.79 -34.08 74.46
C SER A 85 -5.40 -34.39 75.82
N GLU A 86 -4.62 -34.12 76.87
CA GLU A 86 -5.03 -34.33 78.26
C GLU A 86 -6.32 -33.54 78.56
N GLU A 87 -6.41 -32.34 78.03
CA GLU A 87 -7.58 -31.48 78.24
C GLU A 87 -8.85 -31.99 77.55
N SER A 88 -8.69 -32.55 76.35
CA SER A 88 -9.85 -33.06 75.62
C SER A 88 -10.33 -34.43 76.11
N TYR A 89 -9.42 -35.24 76.61
CA TYR A 89 -9.75 -36.58 77.08
C TYR A 89 -9.19 -36.75 78.50
N PRO A 90 -9.83 -36.10 79.49
CA PRO A 90 -9.47 -36.10 80.92
C PRO A 90 -9.27 -37.47 81.57
N TYR A 91 -8.35 -37.52 82.54
CA TYR A 91 -8.05 -38.77 83.25
C TYR A 91 -9.13 -39.12 84.27
N GLU A 92 -9.62 -40.35 84.23
CA GLU A 92 -10.66 -40.79 85.16
C GLU A 92 -10.23 -41.89 86.12
N ALA A 93 -8.98 -42.35 86.00
CA ALA A 93 -8.44 -43.39 86.87
C ALA A 93 -9.23 -44.70 86.82
N THR A 94 -10.02 -44.89 85.76
CA THR A 94 -10.79 -46.11 85.61
C THR A 94 -11.04 -46.34 84.13
N GLU A 95 -11.08 -47.60 83.70
CA GLU A 95 -11.28 -47.91 82.28
C GLU A 95 -12.71 -47.77 81.81
N GLU A 96 -12.88 -47.04 80.72
CA GLU A 96 -14.18 -46.78 80.10
C GLU A 96 -14.06 -47.12 78.61
N SER A 97 -15.17 -47.11 77.91
CA SER A 97 -15.15 -47.40 76.49
C SER A 97 -14.32 -46.34 75.78
N CYS A 98 -13.64 -46.73 74.71
CA CYS A 98 -12.80 -45.81 73.95
C CYS A 98 -13.61 -44.68 73.33
N LYS A 99 -13.19 -43.44 73.58
CA LYS A 99 -13.88 -42.26 73.04
C LYS A 99 -12.93 -41.38 72.24
N TYR A 100 -11.91 -41.99 71.64
CA TYR A 100 -10.96 -41.24 70.86
C TYR A 100 -11.65 -40.44 69.76
N ASN A 101 -11.28 -39.18 69.63
CA ASN A 101 -11.83 -38.30 68.61
C ASN A 101 -10.65 -37.66 67.88
N PRO A 102 -10.41 -38.06 66.62
CA PRO A 102 -9.31 -37.51 65.85
C PRO A 102 -9.28 -35.99 65.76
N LYS A 103 -10.41 -35.35 66.06
CA LYS A 103 -10.49 -33.89 66.00
C LYS A 103 -9.65 -33.25 67.10
N TYR A 104 -9.39 -34.00 68.16
CA TYR A 104 -8.61 -33.48 69.27
C TYR A 104 -7.22 -34.10 69.40
N SER A 105 -6.80 -34.84 68.37
CA SER A 105 -5.49 -35.46 68.38
C SER A 105 -4.42 -34.38 68.31
N VAL A 106 -3.37 -34.51 69.11
CA VAL A 106 -2.31 -33.51 69.11
C VAL A 106 -0.93 -34.14 69.08
N ALA A 107 -0.87 -35.46 68.96
CA ALA A 107 0.41 -36.15 68.92
C ALA A 107 0.38 -37.37 68.03
N ASN A 108 1.56 -37.89 67.70
CA ASN A 108 1.65 -39.08 66.85
C ASN A 108 3.08 -39.60 66.82
N ASP A 109 3.26 -40.83 66.35
CA ASP A 109 4.60 -41.40 66.24
C ASP A 109 4.63 -42.42 65.11
N THR A 110 5.81 -42.64 64.58
CA THR A 110 6.00 -43.58 63.49
C THR A 110 6.84 -44.75 63.99
N GLY A 111 6.59 -45.17 65.22
CA GLY A 111 7.33 -46.28 65.78
C GLY A 111 8.00 -45.95 67.11
N PHE A 112 8.97 -46.78 67.48
CA PHE A 112 9.70 -46.59 68.72
C PHE A 112 11.03 -47.32 68.70
N VAL A 113 11.94 -46.94 69.59
CA VAL A 113 13.25 -47.56 69.67
C VAL A 113 13.48 -48.14 71.06
N ASP A 114 13.87 -49.40 71.13
CA ASP A 114 14.17 -50.02 72.42
C ASP A 114 15.69 -49.96 72.62
N ILE A 115 16.13 -49.28 73.66
CA ILE A 115 17.55 -49.13 73.94
C ILE A 115 18.18 -50.40 74.51
N PRO A 116 19.45 -50.67 74.16
CA PRO A 116 20.15 -51.85 74.64
C PRO A 116 20.19 -51.82 76.18
N LYS A 117 20.04 -52.98 76.80
CA LYS A 117 20.01 -53.09 78.26
C LYS A 117 21.32 -52.83 79.02
N GLN A 118 21.84 -51.62 78.86
CA GLN A 118 23.05 -51.19 79.57
C GLN A 118 22.84 -49.75 79.98
N GLU A 119 23.28 -49.41 81.19
CA GLU A 119 23.14 -48.06 81.68
C GLU A 119 23.90 -47.08 80.81
N LYS A 120 24.99 -47.57 80.20
CA LYS A 120 25.80 -46.72 79.34
C LYS A 120 25.01 -46.29 78.11
N ALA A 121 24.22 -47.22 77.57
CA ALA A 121 23.40 -46.92 76.40
C ALA A 121 22.22 -46.03 76.79
N LEU A 122 21.71 -46.23 78.00
CA LEU A 122 20.60 -45.41 78.47
C LEU A 122 21.08 -43.98 78.65
N MET A 123 22.34 -43.83 79.07
CA MET A 123 22.92 -42.51 79.26
C MET A 123 23.02 -41.75 77.95
N LYS A 124 23.53 -42.41 76.92
CA LYS A 124 23.65 -41.76 75.62
C LYS A 124 22.28 -41.36 75.09
N ALA A 125 21.31 -42.27 75.24
CA ALA A 125 19.94 -42.02 74.78
C ALA A 125 19.34 -40.80 75.48
N VAL A 126 19.50 -40.74 76.80
CA VAL A 126 18.96 -39.63 77.57
C VAL A 126 19.58 -38.31 77.12
N ALA A 127 20.86 -38.36 76.77
CA ALA A 127 21.55 -37.15 76.34
C ALA A 127 21.24 -36.70 74.92
N THR A 128 20.87 -37.63 74.05
CA THR A 128 20.61 -37.25 72.66
C THR A 128 19.17 -37.29 72.19
N VAL A 129 18.30 -37.96 72.94
CA VAL A 129 16.89 -38.05 72.55
C VAL A 129 15.96 -37.16 73.37
N GLY A 130 16.13 -37.20 74.68
CA GLY A 130 15.28 -36.44 75.56
C GLY A 130 14.73 -37.40 76.59
N PRO A 131 13.60 -37.10 77.25
CA PRO A 131 13.03 -38.01 78.25
C PRO A 131 12.86 -39.42 77.72
N ILE A 132 13.22 -40.42 78.53
CA ILE A 132 13.10 -41.82 78.12
C ILE A 132 12.17 -42.63 79.03
N SER A 133 11.36 -43.49 78.43
CA SER A 133 10.46 -44.34 79.21
C SER A 133 11.27 -45.54 79.71
N VAL A 134 11.12 -45.87 80.99
CA VAL A 134 11.84 -47.00 81.59
C VAL A 134 10.97 -47.68 82.66
N ALA A 135 11.29 -48.94 82.94
CA ALA A 135 10.57 -49.69 83.95
C ALA A 135 11.49 -49.92 85.14
N ILE A 136 10.94 -49.80 86.34
CA ILE A 136 11.73 -49.95 87.56
C ILE A 136 11.13 -50.98 88.49
N ASP A 137 11.97 -51.55 89.34
CA ASP A 137 11.52 -52.51 90.34
C ASP A 137 11.20 -51.62 91.54
N ALA A 138 9.92 -51.32 91.72
CA ALA A 138 9.47 -50.48 92.81
C ALA A 138 8.78 -51.36 93.82
N GLY A 139 9.10 -52.65 93.77
CA GLY A 139 8.49 -53.61 94.66
C GLY A 139 8.94 -53.59 96.12
N HIS A 140 9.16 -52.39 96.69
CA HIS A 140 9.60 -52.30 98.08
C HIS A 140 9.04 -51.13 98.87
N GLU A 141 8.89 -51.34 100.18
CA GLU A 141 8.39 -50.33 101.09
C GLU A 141 9.18 -49.04 100.92
N SER A 142 10.50 -49.20 100.78
CA SER A 142 11.43 -48.10 100.64
C SER A 142 11.12 -47.16 99.48
N PHE A 143 10.76 -47.74 98.34
CA PHE A 143 10.46 -46.90 97.18
C PHE A 143 9.23 -46.08 97.50
N LEU A 144 8.26 -46.76 98.07
CA LEU A 144 6.98 -46.17 98.42
C LEU A 144 7.06 -45.07 99.48
N PHE A 145 7.98 -45.23 100.44
CA PHE A 145 8.13 -44.25 101.51
C PHE A 145 9.21 -43.22 101.18
N TYR A 146 9.78 -43.34 99.98
CA TYR A 146 10.83 -42.44 99.54
C TYR A 146 10.45 -40.95 99.71
N LYS A 147 11.39 -40.18 100.25
CA LYS A 147 11.19 -38.74 100.46
C LYS A 147 12.26 -37.90 99.77
N GLU A 148 13.53 -38.20 100.02
CA GLU A 148 14.62 -37.45 99.41
C GLU A 148 15.93 -38.23 99.27
N GLY A 149 16.85 -37.67 98.49
CA GLY A 149 18.15 -38.31 98.29
C GLY A 149 18.23 -39.33 97.17
N ILE A 150 19.34 -40.04 97.10
CA ILE A 150 19.53 -41.06 96.08
C ILE A 150 18.95 -42.39 96.57
N TYR A 151 17.95 -42.90 95.86
CA TYR A 151 17.31 -44.14 96.24
C TYR A 151 18.15 -45.35 95.88
N PHE A 152 18.37 -46.21 96.87
CA PHE A 152 19.13 -47.43 96.66
C PHE A 152 18.52 -48.55 97.51
N GLU A 153 17.87 -49.49 96.86
CA GLU A 153 17.25 -50.61 97.55
C GLU A 153 18.12 -51.85 97.48
N PRO A 154 18.83 -52.19 98.57
CA PRO A 154 19.71 -53.36 98.62
C PRO A 154 19.05 -54.60 98.05
N ASP A 155 17.72 -54.65 98.16
CA ASP A 155 16.98 -55.80 97.69
C ASP A 155 16.34 -55.60 96.30
N CYS A 156 16.79 -54.59 95.55
CA CYS A 156 16.22 -54.37 94.23
C CYS A 156 16.64 -55.45 93.24
N SER A 157 15.79 -55.68 92.26
CA SER A 157 16.05 -56.66 91.22
C SER A 157 16.16 -55.95 89.89
N SER A 158 17.08 -56.38 89.04
CA SER A 158 17.24 -55.78 87.73
C SER A 158 16.54 -56.69 86.73
N GLU A 159 15.64 -57.53 87.23
CA GLU A 159 14.91 -58.48 86.40
C GLU A 159 13.39 -58.38 86.50
N ASP A 160 12.87 -58.11 87.69
CA ASP A 160 11.42 -58.04 87.87
C ASP A 160 10.84 -56.63 88.03
N MET A 161 11.12 -55.75 87.06
CA MET A 161 10.60 -54.38 87.14
C MET A 161 9.08 -54.46 87.11
N ASP A 162 8.42 -53.62 87.88
CA ASP A 162 6.95 -53.62 87.92
C ASP A 162 6.33 -52.22 87.84
N HIS A 163 7.15 -51.19 87.68
CA HIS A 163 6.66 -49.83 87.60
C HIS A 163 7.30 -49.03 86.47
N GLY A 164 6.46 -48.51 85.58
CA GLY A 164 6.95 -47.72 84.47
C GLY A 164 7.05 -46.26 84.86
N VAL A 165 8.20 -45.64 84.62
CA VAL A 165 8.42 -44.23 84.96
C VAL A 165 9.14 -43.49 83.83
N LEU A 166 9.62 -42.29 84.12
CA LEU A 166 10.30 -41.48 83.10
C LEU A 166 11.63 -40.90 83.56
N VAL A 167 12.67 -41.10 82.76
CA VAL A 167 13.99 -40.57 83.04
C VAL A 167 14.08 -39.22 82.34
N VAL A 168 14.19 -38.14 83.10
CA VAL A 168 14.28 -36.82 82.50
C VAL A 168 15.71 -36.28 82.42
N GLY A 169 16.63 -36.98 83.05
CA GLY A 169 18.02 -36.57 83.04
C GLY A 169 18.86 -37.41 83.96
N TYR A 170 20.02 -36.88 84.36
CA TYR A 170 20.92 -37.59 85.25
C TYR A 170 22.06 -36.66 85.69
N GLY A 171 22.71 -37.01 86.79
CA GLY A 171 23.79 -36.19 87.27
C GLY A 171 24.53 -36.83 88.44
N PHE A 172 25.24 -36.00 89.19
CA PHE A 172 26.02 -36.47 90.33
C PHE A 172 25.97 -35.46 91.47
N GLU A 173 26.23 -35.93 92.69
CA GLU A 173 26.24 -35.05 93.85
C GLU A 173 27.65 -34.91 94.39
N SER A 174 27.86 -33.84 95.16
CA SER A 174 29.16 -33.56 95.75
C SER A 174 29.14 -33.77 97.26
N ASN A 180 27.44 -41.69 94.01
CA ASN A 180 27.02 -40.29 94.03
C ASN A 180 26.29 -39.91 92.74
N LYS A 181 26.16 -40.85 91.82
CA LYS A 181 25.47 -40.60 90.55
C LYS A 181 24.03 -41.05 90.65
N TYR A 182 23.16 -40.42 89.87
CA TYR A 182 21.75 -40.75 89.89
C TYR A 182 21.02 -40.44 88.61
N TRP A 183 19.88 -41.10 88.41
CA TRP A 183 19.02 -40.87 87.26
C TRP A 183 17.92 -39.99 87.83
N LEU A 184 17.57 -38.92 87.11
CA LEU A 184 16.50 -38.04 87.56
C LEU A 184 15.24 -38.69 87.03
N VAL A 185 14.39 -39.16 87.93
CA VAL A 185 13.18 -39.84 87.52
C VAL A 185 11.87 -39.17 87.89
N LYS A 186 11.00 -39.04 86.90
CA LYS A 186 9.70 -38.45 87.11
C LYS A 186 8.73 -39.61 87.32
N ASN A 187 8.00 -39.58 88.43
CA ASN A 187 7.04 -40.62 88.75
C ASN A 187 5.66 -40.10 88.40
N SER A 188 4.64 -40.92 88.60
CA SER A 188 3.26 -40.53 88.31
C SER A 188 2.39 -40.80 89.54
N TRP A 189 2.92 -40.46 90.71
CA TRP A 189 2.22 -40.65 91.97
C TRP A 189 1.90 -39.34 92.67
N GLY A 190 1.80 -38.26 91.90
CA GLY A 190 1.51 -36.96 92.48
C GLY A 190 2.77 -36.34 93.06
N GLU A 191 2.73 -35.05 93.35
CA GLU A 191 3.90 -34.38 93.90
C GLU A 191 4.05 -34.46 95.42
N GLU A 192 3.20 -35.24 96.07
CA GLU A 192 3.30 -35.38 97.53
C GLU A 192 4.11 -36.63 97.89
N TRP A 193 4.67 -37.27 96.86
CA TRP A 193 5.50 -38.45 97.03
C TRP A 193 6.92 -38.09 96.62
N GLY A 194 7.90 -38.59 97.35
CA GLY A 194 9.30 -38.29 97.04
C GLY A 194 9.62 -36.82 96.97
N MET A 195 10.47 -36.42 96.01
CA MET A 195 10.84 -35.02 95.86
C MET A 195 9.92 -34.32 94.87
N GLY A 196 8.74 -33.92 95.34
CA GLY A 196 7.78 -33.24 94.47
C GLY A 196 7.34 -34.10 93.30
N GLY A 197 7.36 -35.41 93.50
CA GLY A 197 6.97 -36.33 92.43
C GLY A 197 8.18 -36.93 91.74
N TYR A 198 9.37 -36.44 92.08
CA TYR A 198 10.60 -36.96 91.48
C TYR A 198 11.43 -37.83 92.41
N VAL A 199 12.31 -38.63 91.83
CA VAL A 199 13.19 -39.49 92.61
C VAL A 199 14.52 -39.59 91.89
N LYS A 200 15.60 -39.63 92.68
CA LYS A 200 16.94 -39.77 92.14
C LYS A 200 17.39 -41.22 92.35
N MET A 201 17.22 -42.03 91.31
CA MET A 201 17.58 -43.45 91.33
C MET A 201 19.08 -43.65 91.17
N ALA A 202 19.64 -44.61 91.91
CA ALA A 202 21.07 -44.88 91.87
C ALA A 202 21.56 -45.20 90.47
N LYS A 203 22.54 -44.43 89.98
CA LYS A 203 23.07 -44.65 88.64
C LYS A 203 24.46 -45.29 88.65
N ASP A 204 24.70 -46.18 87.69
CA ASP A 204 25.97 -46.87 87.56
C ASP A 204 26.28 -47.77 88.75
N ARG A 205 25.25 -48.42 89.28
CA ARG A 205 25.40 -49.33 90.41
C ARG A 205 24.92 -50.70 89.96
N ARG A 206 25.40 -51.14 88.80
CA ARG A 206 25.03 -52.44 88.24
C ARG A 206 23.54 -52.48 87.86
N ASN A 207 23.10 -51.47 87.12
CA ASN A 207 21.71 -51.39 86.68
C ASN A 207 20.74 -51.57 87.84
N HIS A 208 20.87 -50.71 88.85
CA HIS A 208 20.03 -50.77 90.03
C HIS A 208 18.55 -50.74 89.68
N CYS A 209 17.82 -51.71 90.23
CA CYS A 209 16.39 -51.84 90.02
C CYS A 209 16.03 -51.97 88.54
N GLY A 210 17.06 -52.16 87.71
CA GLY A 210 16.86 -52.33 86.27
C GLY A 210 16.34 -51.15 85.48
N ILE A 211 16.80 -49.94 85.79
CA ILE A 211 16.37 -48.74 85.06
C ILE A 211 16.62 -48.88 83.56
N ALA A 212 17.69 -49.57 83.18
CA ALA A 212 18.02 -49.72 81.78
C ALA A 212 17.63 -51.05 81.13
N SER A 213 16.84 -51.84 81.84
CA SER A 213 16.42 -53.14 81.31
C SER A 213 15.30 -53.06 80.28
N ALA A 214 14.41 -52.08 80.42
CA ALA A 214 13.31 -51.92 79.47
C ALA A 214 13.11 -50.45 79.13
N ALA A 215 14.14 -49.83 78.60
CA ALA A 215 14.09 -48.43 78.24
C ALA A 215 13.76 -48.24 76.77
N SER A 216 12.92 -47.26 76.48
CA SER A 216 12.54 -46.98 75.11
C SER A 216 11.94 -45.60 74.96
N TYR A 217 11.77 -45.18 73.71
CA TYR A 217 11.19 -43.88 73.41
C TYR A 217 10.51 -43.96 72.05
N PRO A 218 9.58 -43.05 71.77
CA PRO A 218 8.88 -43.06 70.47
C PRO A 218 9.54 -42.15 69.44
N THR A 219 9.40 -42.49 68.16
CA THR A 219 9.94 -41.67 67.09
C THR A 219 8.74 -40.96 66.48
N VAL A 220 8.66 -39.66 66.68
CA VAL A 220 7.54 -38.87 66.17
C VAL A 220 7.88 -38.10 64.89
N ALA B 1 -58.19 7.72 -4.55
CA ALA B 1 -58.37 6.26 -4.32
C ALA B 1 -59.79 5.97 -3.84
N PRO B 2 -60.28 4.75 -4.07
CA PRO B 2 -61.64 4.39 -3.65
C PRO B 2 -61.87 4.72 -2.17
N ARG B 3 -63.14 4.75 -1.78
CA ARG B 3 -63.53 5.02 -0.41
C ARG B 3 -63.39 3.72 0.37
N SER B 4 -63.61 2.60 -0.32
CA SER B 4 -63.52 1.28 0.28
C SER B 4 -62.85 0.27 -0.64
N VAL B 5 -62.17 -0.70 -0.04
CA VAL B 5 -61.48 -1.75 -0.79
C VAL B 5 -61.45 -3.03 0.03
N ASP B 6 -61.63 -4.16 -0.65
CA ASP B 6 -61.62 -5.44 0.03
C ASP B 6 -61.25 -6.53 -0.96
N TRP B 7 -59.98 -6.91 -0.96
CA TRP B 7 -59.49 -7.92 -1.89
C TRP B 7 -60.07 -9.31 -1.71
N ARG B 8 -60.78 -9.52 -0.61
CA ARG B 8 -61.38 -10.83 -0.36
C ARG B 8 -62.49 -11.03 -1.39
N GLU B 9 -63.07 -9.90 -1.82
CA GLU B 9 -64.15 -9.90 -2.81
C GLU B 9 -63.67 -10.44 -4.16
N LYS B 10 -62.39 -10.22 -4.46
CA LYS B 10 -61.85 -10.67 -5.74
C LYS B 10 -61.04 -11.96 -5.70
N GLY B 11 -61.01 -12.62 -4.55
CA GLY B 11 -60.28 -13.87 -4.42
C GLY B 11 -58.77 -13.80 -4.21
N TYR B 12 -58.30 -12.74 -3.55
CA TYR B 12 -56.87 -12.58 -3.30
C TYR B 12 -56.44 -13.20 -1.98
N VAL B 13 -57.40 -13.44 -1.09
CA VAL B 13 -57.10 -13.95 0.25
C VAL B 13 -57.56 -15.37 0.56
N THR B 14 -56.71 -16.10 1.28
CA THR B 14 -57.00 -17.47 1.70
C THR B 14 -57.62 -17.39 3.09
N PRO B 15 -58.21 -18.50 3.58
CA PRO B 15 -58.81 -18.49 4.91
C PRO B 15 -57.82 -18.10 5.99
N VAL B 16 -58.33 -17.66 7.13
CA VAL B 16 -57.48 -17.29 8.26
C VAL B 16 -56.70 -18.51 8.73
N LYS B 17 -55.45 -18.30 9.08
CA LYS B 17 -54.61 -19.39 9.55
C LYS B 17 -54.26 -19.16 11.02
N ASN B 18 -53.57 -20.12 11.63
CA ASN B 18 -53.20 -20.02 13.03
C ASN B 18 -51.75 -20.43 13.26
N GLN B 19 -50.92 -19.48 13.65
CA GLN B 19 -49.50 -19.73 13.88
C GLN B 19 -49.22 -20.50 15.18
N GLY B 20 -50.19 -20.50 16.09
CA GLY B 20 -50.00 -21.19 17.35
C GLY B 20 -48.91 -20.57 18.21
N GLN B 21 -48.40 -21.34 19.16
CA GLN B 21 -47.36 -20.88 20.08
C GLN B 21 -45.98 -20.91 19.41
N CYS B 22 -45.81 -20.05 18.42
CA CYS B 22 -44.55 -19.96 17.67
C CYS B 22 -44.51 -18.55 17.06
N GLY B 23 -43.40 -17.85 17.29
CA GLY B 23 -43.28 -16.50 16.76
C GLY B 23 -43.02 -16.43 15.27
N SER B 24 -43.93 -17.02 14.49
CA SER B 24 -43.78 -17.03 13.04
C SER B 24 -44.76 -16.12 12.30
N CYS B 25 -45.33 -15.15 13.01
CA CYS B 25 -46.29 -14.21 12.41
C CYS B 25 -45.74 -13.55 11.14
N TRP B 26 -44.42 -13.37 11.07
CA TRP B 26 -43.80 -12.77 9.90
C TRP B 26 -43.94 -13.67 8.68
N ALA B 27 -43.99 -14.99 8.92
CA ALA B 27 -44.14 -15.94 7.83
C ALA B 27 -45.57 -15.94 7.29
N PHE B 28 -46.55 -15.79 8.19
CA PHE B 28 -47.94 -15.78 7.78
C PHE B 28 -48.32 -14.48 7.08
N SER B 29 -47.65 -13.41 7.44
CA SER B 29 -47.90 -12.12 6.82
C SER B 29 -47.33 -12.17 5.41
N ALA B 30 -46.13 -12.73 5.28
CA ALA B 30 -45.44 -12.82 4.00
C ALA B 30 -46.18 -13.73 3.02
N THR B 31 -46.61 -14.89 3.48
CA THR B 31 -47.32 -15.82 2.62
C THR B 31 -48.61 -15.17 2.14
N GLY B 32 -49.27 -14.45 3.05
CA GLY B 32 -50.50 -13.78 2.69
C GLY B 32 -50.29 -12.79 1.56
N ALA B 33 -49.19 -12.04 1.63
CA ALA B 33 -48.87 -11.07 0.60
C ALA B 33 -48.54 -11.79 -0.70
N LEU B 34 -47.77 -12.86 -0.59
CA LEU B 34 -47.38 -13.65 -1.74
C LEU B 34 -48.58 -14.30 -2.40
N GLU B 35 -49.44 -14.90 -1.59
CA GLU B 35 -50.62 -15.57 -2.10
C GLU B 35 -51.47 -14.57 -2.88
N GLY B 36 -51.44 -13.32 -2.45
CA GLY B 36 -52.20 -12.28 -3.12
C GLY B 36 -51.54 -11.80 -4.42
N GLN B 37 -50.22 -11.70 -4.41
CA GLN B 37 -49.52 -11.27 -5.61
C GLN B 37 -49.42 -12.38 -6.65
N MET B 38 -49.35 -13.63 -6.21
CA MET B 38 -49.30 -14.73 -7.16
C MET B 38 -50.69 -14.82 -7.83
N PHE B 39 -51.73 -14.59 -7.04
CA PHE B 39 -53.10 -14.63 -7.56
C PHE B 39 -53.29 -13.54 -8.62
N ARG B 40 -52.85 -12.33 -8.33
CA ARG B 40 -52.99 -11.22 -9.28
C ARG B 40 -52.35 -11.57 -10.61
N LYS B 41 -51.23 -12.28 -10.54
CA LYS B 41 -50.49 -12.66 -11.73
C LYS B 41 -51.02 -13.88 -12.50
N THR B 42 -51.34 -14.95 -11.78
CA THR B 42 -51.80 -16.19 -12.39
C THR B 42 -53.30 -16.45 -12.34
N GLY B 43 -54.00 -15.75 -11.45
CA GLY B 43 -55.43 -15.98 -11.32
C GLY B 43 -55.71 -17.24 -10.52
N ARG B 44 -54.67 -17.80 -9.91
CA ARG B 44 -54.82 -19.01 -9.10
C ARG B 44 -54.39 -18.77 -7.65
N LEU B 45 -55.28 -19.10 -6.72
CA LEU B 45 -55.00 -18.92 -5.30
C LEU B 45 -54.51 -20.21 -4.64
N ILE B 46 -53.22 -20.23 -4.29
CA ILE B 46 -52.62 -21.40 -3.64
C ILE B 46 -52.04 -21.02 -2.26
N SER B 47 -52.44 -21.77 -1.24
CA SER B 47 -51.94 -21.52 0.10
C SER B 47 -50.45 -21.86 0.10
N LEU B 48 -49.62 -20.94 0.61
CA LEU B 48 -48.17 -21.14 0.64
C LEU B 48 -47.67 -21.63 2.00
N SER B 49 -46.58 -22.39 1.99
CA SER B 49 -46.00 -22.94 3.22
C SER B 49 -45.29 -21.95 4.13
N GLU B 50 -45.80 -21.77 5.35
CA GLU B 50 -45.14 -20.89 6.32
C GLU B 50 -43.98 -21.68 6.92
N GLN B 51 -44.18 -22.99 7.03
CA GLN B 51 -43.15 -23.86 7.61
C GLN B 51 -41.88 -23.79 6.77
N ASN B 52 -42.05 -23.73 5.45
CA ASN B 52 -40.93 -23.63 4.53
C ASN B 52 -40.13 -22.37 4.90
N LEU B 53 -40.83 -21.29 5.20
CA LEU B 53 -40.17 -20.04 5.57
C LEU B 53 -39.48 -20.15 6.92
N VAL B 54 -40.18 -20.76 7.87
CA VAL B 54 -39.64 -20.95 9.21
C VAL B 54 -38.34 -21.76 9.26
N ASP B 55 -38.29 -22.84 8.48
CA ASP B 55 -37.10 -23.71 8.48
C ASP B 55 -35.96 -23.32 7.55
N CYS B 56 -36.25 -22.56 6.51
CA CYS B 56 -35.22 -22.23 5.53
C CYS B 56 -34.73 -20.79 5.37
N SER B 57 -35.42 -19.81 5.96
CA SER B 57 -35.00 -18.43 5.78
C SER B 57 -34.02 -17.90 6.82
N GLY B 58 -33.32 -18.80 7.48
CA GLY B 58 -32.32 -18.39 8.47
C GLY B 58 -31.24 -17.54 7.83
N PRO B 59 -30.74 -17.94 6.64
CA PRO B 59 -29.69 -17.15 5.98
C PRO B 59 -30.10 -15.71 5.65
N GLN B 60 -31.38 -15.49 5.40
CA GLN B 60 -31.84 -14.14 5.09
C GLN B 60 -31.98 -13.26 6.33
N GLY B 61 -31.85 -13.87 7.51
CA GLY B 61 -31.95 -13.11 8.74
C GLY B 61 -33.09 -13.50 9.66
N ASN B 62 -33.96 -14.41 9.22
CA ASN B 62 -35.08 -14.82 10.05
C ASN B 62 -34.61 -15.79 11.15
N GLU B 63 -35.40 -15.92 12.21
CA GLU B 63 -35.06 -16.78 13.34
C GLU B 63 -36.14 -17.78 13.72
N GLY B 64 -36.74 -18.43 12.73
CA GLY B 64 -37.78 -19.41 13.03
C GLY B 64 -38.90 -18.91 13.93
N CYS B 65 -39.18 -19.64 14.99
CA CYS B 65 -40.24 -19.27 15.93
C CYS B 65 -39.85 -18.15 16.90
N ASN B 66 -38.66 -17.61 16.74
CA ASN B 66 -38.21 -16.53 17.62
C ASN B 66 -38.35 -15.14 16.98
N GLY B 67 -38.77 -15.10 15.72
CA GLY B 67 -38.93 -13.82 15.05
C GLY B 67 -38.35 -13.73 13.66
N GLY B 68 -38.74 -12.67 12.94
CA GLY B 68 -38.27 -12.44 11.58
C GLY B 68 -38.93 -11.21 10.97
N LEU B 69 -38.69 -11.00 9.68
CA LEU B 69 -39.26 -9.86 8.95
C LEU B 69 -39.90 -10.37 7.67
N MET B 70 -40.96 -9.71 7.22
CA MET B 70 -41.63 -10.12 6.00
C MET B 70 -40.72 -9.94 4.78
N ASP B 71 -39.88 -8.91 4.82
CA ASP B 71 -38.97 -8.65 3.73
C ASP B 71 -37.92 -9.73 3.61
N TYR B 72 -37.54 -10.30 4.75
CA TYR B 72 -36.54 -11.37 4.75
C TYR B 72 -37.17 -12.59 4.08
N ALA B 73 -38.45 -12.81 4.33
CA ALA B 73 -39.15 -13.93 3.74
C ALA B 73 -39.20 -13.78 2.22
N PHE B 74 -39.50 -12.57 1.76
CA PHE B 74 -39.57 -12.29 0.33
C PHE B 74 -38.19 -12.53 -0.28
N GLN B 75 -37.17 -12.01 0.38
CA GLN B 75 -35.80 -12.14 -0.08
C GLN B 75 -35.45 -13.62 -0.20
N TYR B 76 -35.95 -14.43 0.73
CA TYR B 76 -35.69 -15.86 0.69
C TYR B 76 -36.30 -16.46 -0.57
N VAL B 77 -37.60 -16.25 -0.76
CA VAL B 77 -38.29 -16.79 -1.93
C VAL B 77 -37.50 -16.44 -3.19
N GLN B 78 -36.95 -15.23 -3.23
CA GLN B 78 -36.16 -14.80 -4.37
C GLN B 78 -34.82 -15.56 -4.45
N ASP B 79 -34.04 -15.53 -3.37
CA ASP B 79 -32.76 -16.23 -3.38
C ASP B 79 -32.90 -17.74 -3.54
N ASN B 80 -33.94 -18.31 -2.92
CA ASN B 80 -34.19 -19.74 -2.97
C ASN B 80 -34.62 -20.22 -4.35
N GLY B 81 -35.33 -19.37 -5.09
CA GLY B 81 -35.78 -19.73 -6.40
C GLY B 81 -37.14 -20.40 -6.35
N GLY B 82 -37.85 -20.20 -5.24
CA GLY B 82 -39.17 -20.81 -5.11
C GLY B 82 -39.65 -20.93 -3.68
N LEU B 83 -40.88 -21.44 -3.53
CA LEU B 83 -41.49 -21.63 -2.23
C LEU B 83 -42.53 -22.73 -2.38
N ASP B 84 -42.51 -23.70 -1.48
CA ASP B 84 -43.47 -24.80 -1.55
C ASP B 84 -44.87 -24.42 -1.09
N SER B 85 -45.83 -25.24 -1.49
CA SER B 85 -47.23 -25.02 -1.14
C SER B 85 -47.51 -25.47 0.29
N GLU B 86 -48.57 -24.89 0.87
CA GLU B 86 -48.99 -25.22 2.23
C GLU B 86 -49.25 -26.72 2.38
N GLU B 87 -49.87 -27.30 1.35
CA GLU B 87 -50.19 -28.72 1.36
C GLU B 87 -48.97 -29.64 1.28
N SER B 88 -47.94 -29.21 0.56
CA SER B 88 -46.73 -30.03 0.43
C SER B 88 -45.78 -29.90 1.62
N TYR B 89 -45.77 -28.73 2.25
CA TYR B 89 -44.90 -28.45 3.38
C TYR B 89 -45.75 -27.91 4.53
N PRO B 90 -46.53 -28.80 5.20
CA PRO B 90 -47.43 -28.51 6.32
C PRO B 90 -46.83 -27.73 7.50
N TYR B 91 -47.65 -26.92 8.15
CA TYR B 91 -47.22 -26.12 9.29
C TYR B 91 -47.11 -26.96 10.56
N GLU B 92 -45.98 -26.85 11.24
CA GLU B 92 -45.76 -27.63 12.46
C GLU B 92 -45.63 -26.78 13.72
N ALA B 93 -45.66 -25.46 13.55
CA ALA B 93 -45.55 -24.54 14.68
C ALA B 93 -44.24 -24.68 15.47
N THR B 94 -43.24 -25.28 14.86
CA THR B 94 -41.94 -25.46 15.51
C THR B 94 -40.87 -25.55 14.43
N GLU B 95 -39.69 -25.00 14.70
CA GLU B 95 -38.62 -25.02 13.70
C GLU B 95 -37.93 -26.37 13.52
N GLU B 96 -37.83 -26.81 12.28
CA GLU B 96 -37.20 -28.08 11.92
C GLU B 96 -36.19 -27.81 10.82
N SER B 97 -35.40 -28.82 10.47
CA SER B 97 -34.41 -28.63 9.41
C SER B 97 -35.15 -28.31 8.11
N CYS B 98 -34.52 -27.53 7.25
CA CYS B 98 -35.11 -27.14 5.98
C CYS B 98 -35.34 -28.34 5.06
N LYS B 99 -36.56 -28.50 4.56
CA LYS B 99 -36.90 -29.62 3.69
C LYS B 99 -37.49 -29.13 2.37
N TYR B 100 -37.08 -27.94 1.96
CA TYR B 100 -37.59 -27.38 0.71
C TYR B 100 -37.32 -28.33 -0.44
N ASN B 101 -38.34 -28.52 -1.28
CA ASN B 101 -38.26 -29.39 -2.44
C ASN B 101 -38.79 -28.59 -3.62
N PRO B 102 -37.91 -28.17 -4.54
CA PRO B 102 -38.31 -27.39 -5.71
C PRO B 102 -39.41 -28.03 -6.55
N LYS B 103 -39.62 -29.33 -6.38
CA LYS B 103 -40.66 -30.04 -7.12
C LYS B 103 -42.05 -29.60 -6.70
N TYR B 104 -42.16 -29.05 -5.49
CA TYR B 104 -43.45 -28.60 -4.98
C TYR B 104 -43.57 -27.07 -4.87
N SER B 105 -42.62 -26.36 -5.46
CA SER B 105 -42.65 -24.90 -5.43
C SER B 105 -43.83 -24.41 -6.26
N VAL B 106 -44.56 -23.42 -5.75
CA VAL B 106 -45.71 -22.89 -6.46
C VAL B 106 -45.74 -21.37 -6.47
N ALA B 107 -44.69 -20.76 -5.94
CA ALA B 107 -44.63 -19.31 -5.90
C ALA B 107 -43.21 -18.79 -6.04
N ASN B 108 -43.08 -17.49 -6.31
CA ASN B 108 -41.78 -16.88 -6.45
C ASN B 108 -41.90 -15.36 -6.52
N ASP B 109 -40.79 -14.66 -6.34
CA ASP B 109 -40.80 -13.21 -6.47
C ASP B 109 -39.44 -12.71 -6.93
N THR B 110 -39.44 -11.52 -7.54
CA THR B 110 -38.22 -10.93 -8.03
C THR B 110 -37.91 -9.67 -7.23
N GLY B 111 -38.19 -9.72 -5.93
CA GLY B 111 -37.93 -8.57 -5.09
C GLY B 111 -39.14 -8.15 -4.29
N PHE B 112 -39.09 -6.93 -3.76
CA PHE B 112 -40.18 -6.39 -2.96
C PHE B 112 -40.10 -4.87 -2.89
N VAL B 113 -41.22 -4.26 -2.53
CA VAL B 113 -41.29 -2.80 -2.44
C VAL B 113 -41.68 -2.37 -1.04
N ASP B 114 -40.90 -1.48 -0.43
CA ASP B 114 -41.25 -0.97 0.89
C ASP B 114 -41.95 0.37 0.70
N ILE B 115 -43.20 0.44 1.15
CA ILE B 115 -44.01 1.65 1.01
C ILE B 115 -43.59 2.75 1.98
N PRO B 116 -43.68 4.02 1.55
CA PRO B 116 -43.33 5.16 2.39
C PRO B 116 -44.20 5.15 3.65
N LYS B 117 -43.59 5.50 4.79
CA LYS B 117 -44.29 5.49 6.07
C LYS B 117 -45.38 6.54 6.30
N GLN B 118 -46.40 6.49 5.46
CA GLN B 118 -47.55 7.39 5.56
C GLN B 118 -48.80 6.57 5.24
N GLU B 119 -49.87 6.78 6.01
CA GLU B 119 -51.10 6.05 5.78
C GLU B 119 -51.65 6.35 4.40
N LYS B 120 -51.39 7.54 3.90
CA LYS B 120 -51.86 7.94 2.57
C LYS B 120 -51.21 7.06 1.49
N ALA B 121 -49.93 6.76 1.67
CA ALA B 121 -49.21 5.92 0.72
C ALA B 121 -49.65 4.46 0.86
N LEU B 122 -49.96 4.07 2.09
CA LEU B 122 -50.39 2.70 2.33
C LEU B 122 -51.75 2.50 1.65
N MET B 123 -52.57 3.54 1.68
CA MET B 123 -53.90 3.48 1.06
C MET B 123 -53.78 3.27 -0.46
N LYS B 124 -52.92 4.04 -1.11
CA LYS B 124 -52.74 3.91 -2.55
C LYS B 124 -52.23 2.52 -2.89
N ALA B 125 -51.29 2.03 -2.09
CA ALA B 125 -50.72 0.70 -2.32
C ALA B 125 -51.79 -0.39 -2.20
N VAL B 126 -52.60 -0.29 -1.16
CA VAL B 126 -53.66 -1.27 -0.94
C VAL B 126 -54.64 -1.28 -2.11
N ALA B 127 -54.91 -0.10 -2.66
CA ALA B 127 -55.85 0.02 -3.76
C ALA B 127 -55.30 -0.43 -5.11
N THR B 128 -53.99 -0.32 -5.31
CA THR B 128 -53.43 -0.71 -6.60
C THR B 128 -52.62 -2.00 -6.66
N VAL B 129 -52.17 -2.50 -5.50
CA VAL B 129 -51.37 -3.72 -5.51
C VAL B 129 -52.14 -4.97 -5.05
N GLY B 130 -52.88 -4.81 -3.96
CA GLY B 130 -53.62 -5.93 -3.40
C GLY B 130 -53.24 -6.04 -1.94
N PRO B 131 -53.38 -7.20 -1.30
CA PRO B 131 -53.01 -7.34 0.12
C PRO B 131 -51.58 -6.88 0.43
N ILE B 132 -51.43 -6.14 1.51
CA ILE B 132 -50.12 -5.61 1.89
C ILE B 132 -49.63 -6.11 3.26
N SER B 133 -48.35 -6.47 3.35
CA SER B 133 -47.79 -6.91 4.62
C SER B 133 -47.47 -5.68 5.46
N VAL B 134 -47.87 -5.71 6.74
CA VAL B 134 -47.62 -4.58 7.65
C VAL B 134 -47.35 -5.10 9.07
N ALA B 135 -46.67 -4.27 9.86
CA ALA B 135 -46.37 -4.61 11.24
C ALA B 135 -47.19 -3.71 12.13
N ILE B 136 -47.69 -4.27 13.22
CA ILE B 136 -48.54 -3.54 14.15
C ILE B 136 -48.07 -3.65 15.58
N ASP B 137 -48.40 -2.65 16.39
CA ASP B 137 -48.07 -2.68 17.80
C ASP B 137 -49.26 -3.37 18.44
N ALA B 138 -49.10 -4.66 18.73
CA ALA B 138 -50.17 -5.45 19.34
C ALA B 138 -49.78 -5.71 20.78
N GLY B 139 -48.90 -4.86 21.29
CA GLY B 139 -48.43 -5.00 22.64
C GLY B 139 -49.41 -4.64 23.74
N HIS B 140 -50.68 -5.00 23.59
CA HIS B 140 -51.68 -4.67 24.61
C HIS B 140 -52.78 -5.70 24.83
N GLU B 141 -53.28 -5.76 26.06
CA GLU B 141 -54.33 -6.68 26.44
C GLU B 141 -55.50 -6.52 25.48
N SER B 142 -55.81 -5.27 25.17
CA SER B 142 -56.91 -4.91 24.30
C SER B 142 -56.86 -5.57 22.93
N PHE B 143 -55.67 -5.61 22.33
CA PHE B 143 -55.57 -6.23 21.00
C PHE B 143 -55.88 -7.70 21.13
N LEU B 144 -55.32 -8.28 22.19
CA LEU B 144 -55.48 -9.69 22.47
C LEU B 144 -56.91 -10.12 22.82
N PHE B 145 -57.65 -9.26 23.50
CA PHE B 145 -59.04 -9.58 23.86
C PHE B 145 -60.02 -9.05 22.82
N TYR B 146 -59.51 -8.45 21.76
CA TYR B 146 -60.34 -7.89 20.69
C TYR B 146 -61.42 -8.86 20.20
N LYS B 147 -62.64 -8.36 20.06
CA LYS B 147 -63.76 -9.18 19.57
C LYS B 147 -64.41 -8.56 18.34
N GLU B 148 -64.81 -7.30 18.43
CA GLU B 148 -65.46 -6.61 17.31
C GLU B 148 -65.28 -5.09 17.28
N GLY B 149 -65.62 -4.48 16.15
CA GLY B 149 -65.53 -3.04 16.01
C GLY B 149 -64.19 -2.51 15.55
N ILE B 150 -64.03 -1.19 15.60
CA ILE B 150 -62.78 -0.54 15.21
C ILE B 150 -61.85 -0.51 16.41
N TYR B 151 -60.71 -1.17 16.29
CA TYR B 151 -59.73 -1.22 17.35
C TYR B 151 -58.94 0.08 17.47
N PHE B 152 -58.91 0.63 18.68
CA PHE B 152 -58.17 1.85 18.95
C PHE B 152 -57.56 1.76 20.34
N GLU B 153 -56.24 1.61 20.40
CA GLU B 153 -55.55 1.52 21.69
C GLU B 153 -54.89 2.84 22.05
N PRO B 154 -55.49 3.59 22.96
CA PRO B 154 -54.96 4.89 23.41
C PRO B 154 -53.48 4.85 23.69
N ASP B 155 -52.99 3.69 24.10
CA ASP B 155 -51.59 3.52 24.44
C ASP B 155 -50.76 2.89 23.31
N CYS B 156 -51.28 2.87 22.08
CA CYS B 156 -50.53 2.28 20.97
C CYS B 156 -49.34 3.13 20.56
N SER B 157 -48.32 2.48 20.05
CA SER B 157 -47.11 3.16 19.60
C SER B 157 -46.94 2.96 18.10
N SER B 158 -46.52 4.02 17.41
CA SER B 158 -46.32 3.94 15.98
C SER B 158 -44.83 3.73 15.75
N GLU B 159 -44.14 3.27 16.79
CA GLU B 159 -42.70 3.05 16.73
C GLU B 159 -42.25 1.64 17.09
N ASP B 160 -42.90 1.02 18.06
CA ASP B 160 -42.51 -0.33 18.49
C ASP B 160 -43.44 -1.45 18.03
N MET B 161 -43.70 -1.56 16.73
CA MET B 161 -44.56 -2.62 16.23
C MET B 161 -43.92 -3.97 16.56
N ASP B 162 -44.74 -4.94 16.95
CA ASP B 162 -44.20 -6.26 17.30
C ASP B 162 -44.98 -7.42 16.69
N HIS B 163 -45.97 -7.11 15.86
CA HIS B 163 -46.77 -8.14 15.23
C HIS B 163 -46.99 -7.89 13.74
N GLY B 164 -46.58 -8.85 12.91
CA GLY B 164 -46.76 -8.72 11.47
C GLY B 164 -48.11 -9.28 11.06
N VAL B 165 -48.87 -8.50 10.30
CA VAL B 165 -50.20 -8.90 9.84
C VAL B 165 -50.43 -8.55 8.36
N LEU B 166 -51.67 -8.66 7.91
CA LEU B 166 -51.99 -8.39 6.50
C LEU B 166 -53.17 -7.45 6.32
N VAL B 167 -52.98 -6.43 5.48
CA VAL B 167 -54.04 -5.47 5.19
C VAL B 167 -54.71 -5.94 3.91
N VAL B 168 -55.98 -6.33 4.01
CA VAL B 168 -56.69 -6.83 2.83
C VAL B 168 -57.60 -5.78 2.20
N GLY B 169 -57.74 -4.64 2.88
CA GLY B 169 -58.59 -3.59 2.36
C GLY B 169 -58.75 -2.46 3.36
N TYR B 170 -59.80 -1.67 3.19
CA TYR B 170 -60.09 -0.56 4.09
C TYR B 170 -61.44 0.05 3.74
N GLY B 171 -62.02 0.78 4.69
CA GLY B 171 -63.31 1.41 4.46
C GLY B 171 -63.73 2.32 5.59
N PHE B 172 -65.03 2.59 5.66
CA PHE B 172 -65.57 3.46 6.69
C PHE B 172 -66.94 2.97 7.16
N GLU B 173 -67.32 3.36 8.37
CA GLU B 173 -68.61 2.95 8.92
C GLU B 173 -69.55 4.15 9.01
N SER B 174 -70.85 3.86 9.06
CA SER B 174 -71.87 4.89 9.15
C SER B 174 -72.52 4.93 10.53
N ASN B 180 -64.16 6.91 12.07
CA ASN B 180 -65.07 5.93 11.49
C ASN B 180 -64.39 5.13 10.37
N LYS B 181 -63.12 5.44 10.10
CA LYS B 181 -62.37 4.74 9.06
C LYS B 181 -61.54 3.62 9.67
N TYR B 182 -61.25 2.59 8.89
CA TYR B 182 -60.49 1.47 9.40
C TYR B 182 -59.77 0.69 8.31
N TRP B 183 -58.75 -0.04 8.72
CA TRP B 183 -57.99 -0.89 7.83
C TRP B 183 -58.54 -2.29 8.09
N LEU B 184 -58.83 -3.04 7.03
CA LEU B 184 -59.33 -4.39 7.19
C LEU B 184 -58.07 -5.24 7.37
N VAL B 185 -57.89 -5.81 8.55
CA VAL B 185 -56.70 -6.60 8.81
C VAL B 185 -56.92 -8.09 9.07
N LYS B 186 -56.15 -8.91 8.35
CA LYS B 186 -56.21 -10.34 8.52
C LYS B 186 -55.08 -10.71 9.47
N ASN B 187 -55.43 -11.42 10.55
CA ASN B 187 -54.46 -11.83 11.55
C ASN B 187 -54.13 -13.28 11.28
N SER B 188 -53.29 -13.87 12.11
CA SER B 188 -52.89 -15.27 11.97
C SER B 188 -53.02 -15.97 13.31
N TRP B 189 -54.11 -15.67 14.02
CA TRP B 189 -54.38 -16.24 15.33
C TRP B 189 -55.63 -17.09 15.34
N GLY B 190 -55.97 -17.66 14.18
CA GLY B 190 -57.17 -18.49 14.09
C GLY B 190 -58.40 -17.62 13.99
N GLU B 191 -59.53 -18.23 13.62
CA GLU B 191 -60.78 -17.48 13.48
C GLU B 191 -61.59 -17.34 14.76
N GLU B 192 -61.04 -17.77 15.89
CA GLU B 192 -61.76 -17.66 17.15
C GLU B 192 -61.32 -16.39 17.89
N TRP B 193 -60.49 -15.59 17.22
CA TRP B 193 -60.01 -14.34 17.78
C TRP B 193 -60.60 -13.21 16.94
N GLY B 194 -60.98 -12.11 17.59
CA GLY B 194 -61.55 -10.99 16.87
C GLY B 194 -62.75 -11.35 16.00
N MET B 195 -62.84 -10.74 14.83
CA MET B 195 -63.96 -11.00 13.92
C MET B 195 -63.62 -12.10 12.93
N GLY B 196 -63.71 -13.34 13.38
CA GLY B 196 -63.40 -14.46 12.52
C GLY B 196 -61.96 -14.46 12.08
N GLY B 197 -61.10 -13.87 12.90
CA GLY B 197 -59.68 -13.81 12.56
C GLY B 197 -59.29 -12.48 11.98
N TYR B 198 -60.26 -11.60 11.79
CA TYR B 198 -60.01 -10.27 11.25
C TYR B 198 -60.19 -9.18 12.27
N VAL B 199 -59.59 -8.02 12.00
CA VAL B 199 -59.70 -6.87 12.88
C VAL B 199 -59.72 -5.60 12.05
N LYS B 200 -60.54 -4.64 12.49
CA LYS B 200 -60.65 -3.36 11.82
C LYS B 200 -59.85 -2.34 12.62
N MET B 201 -58.61 -2.12 12.19
CA MET B 201 -57.69 -1.17 12.82
C MET B 201 -58.02 0.28 12.47
N ALA B 202 -57.90 1.17 13.44
CA ALA B 202 -58.20 2.59 13.25
C ALA B 202 -57.38 3.22 12.12
N LYS B 203 -58.06 3.76 11.11
CA LYS B 203 -57.39 4.37 9.98
C LYS B 203 -57.44 5.90 9.99
N ASP B 204 -56.33 6.52 9.58
CA ASP B 204 -56.21 7.96 9.52
C ASP B 204 -56.31 8.61 10.91
N ARG B 205 -55.73 7.94 11.90
CA ARG B 205 -55.70 8.44 13.26
C ARG B 205 -54.23 8.61 13.66
N ARG B 206 -53.47 9.27 12.79
CA ARG B 206 -52.05 9.50 13.05
C ARG B 206 -51.26 8.19 13.08
N ASN B 207 -51.45 7.37 12.07
CA ASN B 207 -50.75 6.10 11.96
C ASN B 207 -50.88 5.28 13.24
N HIS B 208 -52.11 5.01 13.64
CA HIS B 208 -52.39 4.25 14.84
C HIS B 208 -51.67 2.90 14.85
N CYS B 209 -50.96 2.64 15.95
CA CYS B 209 -50.19 1.41 16.13
C CYS B 209 -49.16 1.21 15.01
N GLY B 210 -48.98 2.24 14.19
CA GLY B 210 -48.00 2.17 13.12
C GLY B 210 -48.26 1.20 11.98
N ILE B 211 -49.51 1.08 11.54
CA ILE B 211 -49.85 0.18 10.44
C ILE B 211 -49.02 0.47 9.21
N ALA B 212 -48.73 1.75 8.98
CA ALA B 212 -47.98 2.16 7.80
C ALA B 212 -46.49 2.39 7.99
N SER B 213 -45.97 2.01 9.15
CA SER B 213 -44.55 2.21 9.44
C SER B 213 -43.62 1.17 8.79
N ALA B 214 -44.12 -0.04 8.61
CA ALA B 214 -43.31 -1.10 7.99
C ALA B 214 -44.15 -1.89 7.02
N ALA B 215 -44.72 -1.21 6.04
CA ALA B 215 -45.57 -1.85 5.04
C ALA B 215 -44.80 -2.21 3.78
N SER B 216 -45.06 -3.39 3.24
CA SER B 216 -44.38 -3.81 2.02
C SER B 216 -45.12 -4.96 1.34
N TYR B 217 -44.71 -5.26 0.11
CA TYR B 217 -45.30 -6.33 -0.66
C TYR B 217 -44.25 -6.87 -1.62
N PRO B 218 -44.44 -8.10 -2.10
CA PRO B 218 -43.48 -8.70 -3.03
C PRO B 218 -43.86 -8.48 -4.49
N THR B 219 -42.85 -8.44 -5.36
CA THR B 219 -43.09 -8.29 -6.79
C THR B 219 -42.84 -9.67 -7.39
N VAL B 220 -43.89 -10.31 -7.85
CA VAL B 220 -43.79 -11.65 -8.43
C VAL B 220 -43.82 -11.63 -9.96
N ALA C 1 74.44 -7.45 -90.42
CA ALA C 1 74.13 -6.61 -89.22
C ALA C 1 75.21 -6.75 -88.14
N PRO C 2 75.78 -5.62 -87.70
CA PRO C 2 76.83 -5.62 -86.67
C PRO C 2 76.43 -6.33 -85.38
N ARG C 3 77.44 -6.74 -84.61
CA ARG C 3 77.24 -7.46 -83.36
C ARG C 3 76.71 -6.51 -82.27
N SER C 4 77.30 -5.33 -82.19
CA SER C 4 76.89 -4.35 -81.20
C SER C 4 76.49 -3.04 -81.87
N VAL C 5 75.54 -2.33 -81.25
CA VAL C 5 75.06 -1.06 -81.76
C VAL C 5 74.63 -0.20 -80.57
N ASP C 6 75.09 1.04 -80.54
CA ASP C 6 74.75 1.95 -79.46
C ASP C 6 74.63 3.37 -80.00
N TRP C 7 73.40 3.78 -80.32
CA TRP C 7 73.17 5.10 -80.87
C TRP C 7 73.47 6.27 -79.94
N ARG C 8 73.68 5.98 -78.66
CA ARG C 8 73.99 7.03 -77.69
C ARG C 8 75.37 7.59 -78.01
N GLU C 9 76.22 6.74 -78.58
CA GLU C 9 77.58 7.13 -78.95
C GLU C 9 77.58 8.14 -80.10
N LYS C 10 76.49 8.16 -80.88
CA LYS C 10 76.40 9.04 -82.02
C LYS C 10 75.54 10.28 -81.81
N GLY C 11 75.02 10.46 -80.61
CA GLY C 11 74.19 11.63 -80.34
C GLY C 11 72.74 11.53 -80.80
N TYR C 12 72.20 10.32 -80.86
CA TYR C 12 70.82 10.14 -81.27
C TYR C 12 69.84 10.21 -80.08
N VAL C 13 70.37 10.06 -78.87
CA VAL C 13 69.55 10.03 -77.66
C VAL C 13 69.76 11.13 -76.63
N THR C 14 68.67 11.61 -76.05
CA THR C 14 68.73 12.65 -75.03
C THR C 14 68.91 11.96 -73.68
N PRO C 15 69.13 12.73 -72.60
CA PRO C 15 69.31 12.13 -71.27
C PRO C 15 68.01 11.45 -70.83
N VAL C 16 68.10 10.58 -69.84
CA VAL C 16 66.92 9.89 -69.35
C VAL C 16 65.96 10.87 -68.68
N LYS C 17 64.67 10.65 -68.91
CA LYS C 17 63.66 11.51 -68.34
C LYS C 17 62.85 10.73 -67.32
N ASN C 18 61.91 11.40 -66.65
CA ASN C 18 61.09 10.76 -65.66
C ASN C 18 59.63 11.12 -65.87
N GLN C 19 58.81 10.11 -66.11
CA GLN C 19 57.39 10.32 -66.34
C GLN C 19 56.61 10.51 -65.04
N GLY C 20 57.20 10.09 -63.93
CA GLY C 20 56.52 10.23 -62.65
C GLY C 20 55.31 9.31 -62.56
N GLN C 21 54.36 9.69 -61.71
CA GLN C 21 53.14 8.89 -61.52
C GLN C 21 52.05 9.35 -62.48
N CYS C 22 52.28 9.09 -63.76
CA CYS C 22 51.36 9.43 -64.84
C CYS C 22 51.66 8.39 -65.92
N GLY C 23 50.62 7.76 -66.45
CA GLY C 23 50.81 6.74 -67.47
C GLY C 23 51.17 7.30 -68.83
N SER C 24 52.17 8.17 -68.87
CA SER C 24 52.58 8.78 -70.12
C SER C 24 53.81 8.14 -70.76
N CYS C 25 54.12 6.90 -70.40
CA CYS C 25 55.27 6.22 -70.97
C CYS C 25 55.18 6.19 -72.50
N TRP C 26 53.96 6.13 -73.04
CA TRP C 26 53.78 6.10 -74.47
C TRP C 26 54.33 7.40 -75.08
N ALA C 27 54.19 8.51 -74.37
CA ALA C 27 54.67 9.80 -74.84
C ALA C 27 56.21 9.89 -74.75
N PHE C 28 56.78 9.22 -73.75
CA PHE C 28 58.23 9.24 -73.59
C PHE C 28 58.94 8.31 -74.56
N SER C 29 58.26 7.25 -74.97
CA SER C 29 58.85 6.32 -75.93
C SER C 29 58.78 7.00 -77.30
N ALA C 30 57.65 7.66 -77.56
CA ALA C 30 57.46 8.33 -78.84
C ALA C 30 58.45 9.48 -79.04
N THR C 31 58.58 10.36 -78.04
CA THR C 31 59.49 11.47 -78.18
C THR C 31 60.92 10.96 -78.32
N GLY C 32 61.23 9.90 -77.57
CA GLY C 32 62.56 9.33 -77.66
C GLY C 32 62.89 8.96 -79.09
N ALA C 33 61.93 8.33 -79.77
CA ALA C 33 62.08 7.91 -81.16
C ALA C 33 62.17 9.09 -82.12
N LEU C 34 61.29 10.07 -81.89
CA LEU C 34 61.26 11.26 -82.73
C LEU C 34 62.56 12.04 -82.57
N GLU C 35 63.04 12.12 -81.33
CA GLU C 35 64.29 12.83 -81.04
C GLU C 35 65.41 12.15 -81.81
N GLY C 36 65.28 10.84 -81.99
CA GLY C 36 66.29 10.09 -82.73
C GLY C 36 66.22 10.32 -84.23
N GLN C 37 65.01 10.32 -84.77
CA GLN C 37 64.83 10.51 -86.21
C GLN C 37 65.03 11.96 -86.65
N MET C 38 64.59 12.91 -85.83
CA MET C 38 64.78 14.32 -86.16
C MET C 38 66.28 14.62 -86.22
N PHE C 39 67.05 13.96 -85.36
CA PHE C 39 68.50 14.14 -85.31
C PHE C 39 69.17 13.54 -86.53
N ARG C 40 68.73 12.35 -86.93
CA ARG C 40 69.32 11.70 -88.10
C ARG C 40 69.13 12.59 -89.32
N LYS C 41 68.03 13.33 -89.35
CA LYS C 41 67.73 14.21 -90.47
C LYS C 41 68.40 15.59 -90.40
N THR C 42 68.16 16.30 -89.31
CA THR C 42 68.68 17.65 -89.14
C THR C 42 70.08 17.74 -88.56
N GLY C 43 70.47 16.74 -87.77
CA GLY C 43 71.78 16.76 -87.17
C GLY C 43 71.76 17.46 -85.83
N ARG C 44 70.57 17.86 -85.39
CA ARG C 44 70.41 18.55 -84.11
C ARG C 44 69.50 17.77 -83.16
N LEU C 45 70.01 17.49 -81.96
CA LEU C 45 69.25 16.76 -80.96
C LEU C 45 68.47 17.74 -80.10
N ILE C 46 67.15 17.69 -80.22
CA ILE C 46 66.27 18.58 -79.45
C ILE C 46 65.22 17.80 -78.66
N SER C 47 65.19 18.04 -77.36
CA SER C 47 64.23 17.37 -76.47
C SER C 47 62.81 17.78 -76.85
N LEU C 48 61.92 16.80 -76.98
CA LEU C 48 60.53 17.07 -77.37
C LEU C 48 59.54 17.03 -76.19
N SER C 49 58.47 17.82 -76.28
CA SER C 49 57.48 17.87 -75.22
C SER C 49 56.58 16.63 -75.11
N GLU C 50 56.56 16.01 -73.93
CA GLU C 50 55.70 14.85 -73.70
C GLU C 50 54.36 15.41 -73.28
N GLN C 51 54.40 16.58 -72.62
CA GLN C 51 53.18 17.23 -72.15
C GLN C 51 52.33 17.54 -73.36
N ASN C 52 52.97 18.04 -74.42
CA ASN C 52 52.27 18.37 -75.65
C ASN C 52 51.51 17.11 -76.10
N LEU C 53 52.17 15.96 -76.03
CA LEU C 53 51.52 14.70 -76.41
C LEU C 53 50.42 14.30 -75.42
N VAL C 54 50.67 14.54 -74.13
CA VAL C 54 49.70 14.19 -73.10
C VAL C 54 48.42 15.02 -73.16
N ASP C 55 48.52 16.30 -73.49
CA ASP C 55 47.35 17.17 -73.54
C ASP C 55 46.65 17.30 -74.88
N CYS C 56 47.32 16.94 -75.97
CA CYS C 56 46.72 17.13 -77.27
C CYS C 56 46.47 15.92 -78.17
N SER C 57 46.84 14.72 -77.74
CA SER C 57 46.65 13.55 -78.61
C SER C 57 45.43 12.71 -78.30
N GLY C 58 44.37 13.34 -77.81
CA GLY C 58 43.14 12.62 -77.52
C GLY C 58 42.48 12.17 -78.82
N PRO C 59 42.35 13.06 -79.81
CA PRO C 59 41.73 12.68 -81.08
C PRO C 59 42.38 11.46 -81.74
N GLN C 60 43.69 11.32 -81.58
CA GLN C 60 44.41 10.18 -82.17
C GLN C 60 44.17 8.88 -81.39
N GLY C 61 43.62 8.99 -80.19
CA GLY C 61 43.35 7.79 -79.41
C GLY C 61 44.00 7.69 -78.04
N ASN C 62 44.89 8.62 -77.70
CA ASN C 62 45.56 8.58 -76.41
C ASN C 62 44.68 9.10 -75.27
N GLU C 63 44.97 8.67 -74.04
CA GLU C 63 44.18 9.08 -72.89
C GLU C 63 45.01 9.75 -71.80
N GLY C 64 45.90 10.65 -72.22
CA GLY C 64 46.74 11.37 -71.27
C GLY C 64 47.53 10.51 -70.29
N CYS C 65 47.30 10.71 -69.00
CA CYS C 65 47.98 9.93 -67.97
C CYS C 65 47.35 8.57 -67.73
N ASN C 66 46.33 8.23 -68.50
CA ASN C 66 45.68 6.94 -68.34
C ASN C 66 46.13 5.94 -69.40
N GLY C 67 47.05 6.35 -70.27
CA GLY C 67 47.54 5.46 -71.30
C GLY C 67 47.46 5.95 -72.74
N GLY C 68 48.12 5.20 -73.63
CA GLY C 68 48.14 5.53 -75.05
C GLY C 68 49.09 4.64 -75.85
N LEU C 69 49.31 4.97 -77.12
CA LEU C 69 50.21 4.19 -77.96
C LEU C 69 51.17 5.13 -78.70
N MET C 70 52.41 4.71 -78.85
CA MET C 70 53.42 5.51 -79.53
C MET C 70 53.06 5.86 -80.99
N ASP C 71 52.28 4.99 -81.63
CA ASP C 71 51.88 5.24 -83.01
C ASP C 71 50.86 6.34 -83.01
N TYR C 72 50.04 6.38 -81.97
CA TYR C 72 49.03 7.42 -81.83
C TYR C 72 49.77 8.75 -81.70
N ALA C 73 50.83 8.76 -80.91
CA ALA C 73 51.61 9.98 -80.73
C ALA C 73 52.20 10.37 -82.09
N PHE C 74 52.79 9.39 -82.77
CA PHE C 74 53.37 9.64 -84.09
C PHE C 74 52.28 10.25 -84.96
N GLN C 75 51.15 9.56 -85.04
CA GLN C 75 50.00 10.00 -85.83
C GLN C 75 49.59 11.44 -85.50
N TYR C 76 49.69 11.81 -84.22
CA TYR C 76 49.34 13.17 -83.79
C TYR C 76 50.27 14.22 -84.38
N VAL C 77 51.58 13.99 -84.29
CA VAL C 77 52.54 14.95 -84.82
C VAL C 77 52.28 15.21 -86.31
N GLN C 78 51.87 14.17 -87.02
CA GLN C 78 51.56 14.32 -88.43
C GLN C 78 50.27 15.15 -88.61
N ASP C 79 49.14 14.65 -88.11
CA ASP C 79 47.88 15.36 -88.23
C ASP C 79 47.99 16.81 -87.74
N ASN C 80 48.56 16.97 -86.54
CA ASN C 80 48.73 18.28 -85.92
C ASN C 80 49.65 19.20 -86.70
N GLY C 81 50.55 18.61 -87.48
CA GLY C 81 51.47 19.40 -88.27
C GLY C 81 52.60 19.97 -87.44
N GLY C 82 52.95 19.28 -86.35
CA GLY C 82 54.03 19.75 -85.52
C GLY C 82 53.97 19.28 -84.08
N LEU C 83 55.08 19.46 -83.37
CA LEU C 83 55.20 19.09 -81.97
C LEU C 83 56.11 20.12 -81.32
N ASP C 84 55.78 20.53 -80.10
CA ASP C 84 56.60 21.52 -79.44
C ASP C 84 57.81 20.92 -78.73
N SER C 85 58.78 21.79 -78.45
CA SER C 85 59.99 21.39 -77.76
C SER C 85 59.72 21.20 -76.27
N GLU C 86 60.54 20.35 -75.64
CA GLU C 86 60.45 20.06 -74.23
C GLU C 86 60.55 21.36 -73.42
N GLU C 87 61.45 22.23 -73.86
CA GLU C 87 61.69 23.50 -73.20
C GLU C 87 60.51 24.47 -73.26
N SER C 88 59.75 24.44 -74.35
CA SER C 88 58.61 25.36 -74.49
C SER C 88 57.30 24.86 -73.87
N TYR C 89 57.15 23.55 -73.78
CA TYR C 89 55.94 22.95 -73.24
C TYR C 89 56.37 21.91 -72.21
N PRO C 90 56.84 22.36 -71.04
CA PRO C 90 57.33 21.57 -69.90
C PRO C 90 56.40 20.48 -69.41
N TYR C 91 57.00 19.39 -68.93
CA TYR C 91 56.26 18.23 -68.44
C TYR C 91 55.70 18.46 -67.03
N GLU C 92 54.41 18.23 -66.86
CA GLU C 92 53.75 18.43 -65.58
C GLU C 92 53.24 17.14 -64.92
N ALA C 93 53.41 16.02 -65.61
CA ALA C 93 52.98 14.73 -65.06
C ALA C 93 51.48 14.70 -64.73
N THR C 94 50.70 15.48 -65.47
CA THR C 94 49.27 15.53 -65.26
C THR C 94 48.61 16.17 -66.47
N GLU C 95 47.54 15.57 -66.97
CA GLU C 95 46.86 16.09 -68.15
C GLU C 95 46.15 17.43 -67.96
N GLU C 96 46.54 18.42 -68.76
CA GLU C 96 45.96 19.75 -68.74
C GLU C 96 45.33 20.01 -70.10
N SER C 97 44.75 21.19 -70.30
CA SER C 97 44.15 21.51 -71.59
C SER C 97 45.29 21.65 -72.59
N CYS C 98 45.02 21.29 -73.84
CA CYS C 98 46.02 21.37 -74.90
C CYS C 98 46.49 22.80 -75.12
N LYS C 99 47.81 23.00 -75.12
CA LYS C 99 48.39 24.32 -75.31
C LYS C 99 49.42 24.34 -76.45
N TYR C 100 49.20 23.51 -77.45
CA TYR C 100 50.10 23.47 -78.58
C TYR C 100 50.23 24.86 -79.15
N ASN C 101 51.46 25.23 -79.50
CA ASN C 101 51.75 26.53 -80.09
C ASN C 101 52.74 26.27 -81.22
N PRO C 102 52.26 26.30 -82.48
CA PRO C 102 53.10 26.06 -83.65
C PRO C 102 54.37 26.93 -83.73
N LYS C 103 54.37 28.05 -83.03
CA LYS C 103 55.53 28.94 -83.03
C LYS C 103 56.72 28.26 -82.37
N TYR C 104 56.44 27.22 -81.58
CA TYR C 104 57.50 26.48 -80.90
C TYR C 104 57.69 25.05 -81.40
N SER C 105 57.05 24.72 -82.51
CA SER C 105 57.20 23.38 -83.06
C SER C 105 58.64 23.20 -83.51
N VAL C 106 59.22 22.03 -83.26
CA VAL C 106 60.60 21.77 -83.64
C VAL C 106 60.78 20.38 -84.19
N ALA C 107 59.68 19.65 -84.27
CA ALA C 107 59.73 18.30 -84.78
C ALA C 107 58.47 18.02 -85.59
N ASN C 108 58.48 16.89 -86.30
CA ASN C 108 57.35 16.47 -87.11
C ASN C 108 57.60 15.10 -87.69
N ASP C 109 56.65 14.63 -88.49
CA ASP C 109 56.80 13.36 -89.16
C ASP C 109 55.74 13.17 -90.21
N THR C 110 56.09 12.41 -91.25
CA THR C 110 55.19 12.13 -92.34
C THR C 110 54.80 10.66 -92.33
N GLY C 111 54.47 10.15 -91.15
CA GLY C 111 54.08 8.76 -91.04
C GLY C 111 54.93 7.96 -90.06
N PHE C 112 54.78 6.65 -90.12
CA PHE C 112 55.53 5.74 -89.24
C PHE C 112 55.46 4.31 -89.79
N VAL C 113 56.39 3.47 -89.35
CA VAL C 113 56.41 2.10 -89.81
C VAL C 113 56.38 1.11 -88.65
N ASP C 114 55.55 0.09 -88.76
CA ASP C 114 55.48 -0.94 -87.73
C ASP C 114 56.31 -2.12 -88.19
N ILE C 115 57.34 -2.45 -87.41
CA ILE C 115 58.27 -3.55 -87.69
C ILE C 115 57.64 -4.92 -87.50
N PRO C 116 58.05 -5.90 -88.34
CA PRO C 116 57.48 -7.25 -88.21
C PRO C 116 57.80 -7.77 -86.80
N LYS C 117 56.89 -8.53 -86.23
CA LYS C 117 57.04 -9.05 -84.87
C LYS C 117 58.04 -10.20 -84.67
N GLN C 118 59.30 -9.94 -85.04
CA GLN C 118 60.40 -10.89 -84.92
C GLN C 118 61.66 -10.13 -84.46
N GLU C 119 62.38 -10.68 -83.49
CA GLU C 119 63.58 -10.02 -82.99
C GLU C 119 64.56 -9.79 -84.13
N LYS C 120 64.54 -10.71 -85.09
CA LYS C 120 65.40 -10.63 -86.27
C LYS C 120 65.18 -9.30 -86.99
N ALA C 121 63.92 -8.95 -87.22
CA ALA C 121 63.58 -7.71 -87.91
C ALA C 121 63.82 -6.47 -87.06
N LEU C 122 63.61 -6.60 -85.75
CA LEU C 122 63.82 -5.47 -84.85
C LEU C 122 65.29 -5.07 -84.90
N MET C 123 66.16 -6.09 -84.92
CA MET C 123 67.61 -5.85 -84.97
C MET C 123 68.02 -5.07 -86.22
N LYS C 124 67.48 -5.46 -87.39
CA LYS C 124 67.81 -4.76 -88.62
C LYS C 124 67.33 -3.32 -88.52
N ALA C 125 66.14 -3.14 -87.97
CA ALA C 125 65.59 -1.80 -87.80
C ALA C 125 66.55 -0.98 -86.96
N VAL C 126 66.87 -1.48 -85.76
CA VAL C 126 67.78 -0.80 -84.86
C VAL C 126 69.09 -0.42 -85.55
N ALA C 127 69.64 -1.36 -86.32
CA ALA C 127 70.90 -1.14 -87.00
C ALA C 127 70.87 -0.14 -88.14
N THR C 128 69.72 0.00 -88.80
CA THR C 128 69.64 0.92 -89.93
C THR C 128 68.88 2.23 -89.70
N VAL C 129 67.91 2.24 -88.80
CA VAL C 129 67.14 3.45 -88.54
C VAL C 129 67.65 4.30 -87.38
N GLY C 130 67.83 3.66 -86.24
CA GLY C 130 68.27 4.35 -85.05
C GLY C 130 67.41 3.88 -83.89
N PRO C 131 67.16 4.72 -82.88
CA PRO C 131 66.33 4.31 -81.74
C PRO C 131 64.91 3.89 -82.13
N ILE C 132 64.46 2.76 -81.58
CA ILE C 132 63.14 2.24 -81.90
C ILE C 132 62.16 2.19 -80.72
N SER C 133 60.91 2.60 -80.96
CA SER C 133 59.90 2.54 -79.92
C SER C 133 59.41 1.10 -79.83
N VAL C 134 59.40 0.55 -78.62
CA VAL C 134 58.91 -0.81 -78.42
C VAL C 134 58.11 -0.88 -77.12
N ALA C 135 57.23 -1.88 -77.03
CA ALA C 135 56.43 -2.08 -75.83
C ALA C 135 56.97 -3.35 -75.18
N ILE C 136 56.84 -3.43 -73.86
CA ILE C 136 57.38 -4.56 -73.12
C ILE C 136 56.57 -4.92 -71.89
N ASP C 137 56.65 -6.19 -71.51
CA ASP C 137 55.96 -6.67 -70.32
C ASP C 137 56.81 -6.35 -69.11
N ALA C 138 56.50 -5.24 -68.46
CA ALA C 138 57.23 -4.80 -67.27
C ALA C 138 56.38 -5.13 -66.07
N GLY C 139 55.44 -6.05 -66.27
CA GLY C 139 54.55 -6.45 -65.19
C GLY C 139 55.12 -7.35 -64.11
N HIS C 140 56.27 -6.99 -63.53
CA HIS C 140 56.86 -7.82 -62.49
C HIS C 140 57.73 -7.07 -61.49
N GLU C 141 57.74 -7.55 -60.25
CA GLU C 141 58.54 -6.95 -59.20
C GLU C 141 59.98 -6.82 -59.68
N SER C 142 60.47 -7.86 -60.37
CA SER C 142 61.83 -7.88 -60.88
C SER C 142 62.17 -6.68 -61.75
N PHE C 143 61.23 -6.23 -62.57
CA PHE C 143 61.51 -5.09 -63.42
C PHE C 143 61.58 -3.84 -62.56
N LEU C 144 60.67 -3.76 -61.60
CA LEU C 144 60.63 -2.63 -60.69
C LEU C 144 61.91 -2.46 -59.90
N PHE C 145 62.42 -3.57 -59.37
CA PHE C 145 63.63 -3.56 -58.55
C PHE C 145 64.94 -3.69 -59.33
N TYR C 146 64.85 -3.77 -60.66
CA TYR C 146 66.05 -3.91 -61.49
C TYR C 146 67.11 -2.84 -61.24
N LYS C 147 68.37 -3.27 -61.19
CA LYS C 147 69.48 -2.35 -60.96
C LYS C 147 70.56 -2.53 -62.02
N GLU C 148 70.95 -3.78 -62.28
CA GLU C 148 71.97 -4.04 -63.28
C GLU C 148 71.98 -5.45 -63.87
N GLY C 149 72.64 -5.60 -65.00
CA GLY C 149 72.75 -6.89 -65.66
C GLY C 149 71.77 -7.11 -66.80
N ILE C 150 71.79 -8.32 -67.34
CA ILE C 150 70.88 -8.70 -68.40
C ILE C 150 69.62 -9.16 -67.70
N TYR C 151 68.53 -8.43 -67.90
CA TYR C 151 67.25 -8.75 -67.27
C TYR C 151 66.54 -9.92 -67.92
N PHE C 152 66.19 -10.91 -67.11
CA PHE C 152 65.46 -12.07 -67.60
C PHE C 152 64.43 -12.50 -66.58
N GLU C 153 63.16 -12.36 -66.94
CA GLU C 153 62.04 -12.71 -66.07
C GLU C 153 61.38 -14.01 -66.50
N PRO C 154 61.62 -15.11 -65.77
CA PRO C 154 61.06 -16.42 -66.06
C PRO C 154 59.56 -16.38 -66.35
N ASP C 155 58.89 -15.42 -65.73
CA ASP C 155 57.45 -15.28 -65.86
C ASP C 155 57.02 -14.18 -66.85
N CYS C 156 57.94 -13.71 -67.70
CA CYS C 156 57.61 -12.67 -68.66
C CYS C 156 56.75 -13.18 -69.80
N SER C 157 55.80 -12.35 -70.21
CA SER C 157 54.90 -12.69 -71.28
C SER C 157 55.13 -11.83 -72.52
N SER C 158 55.08 -12.48 -73.68
CA SER C 158 55.26 -11.78 -74.94
C SER C 158 53.87 -11.45 -75.48
N GLU C 159 52.85 -11.64 -74.64
CA GLU C 159 51.48 -11.38 -75.04
C GLU C 159 50.80 -10.22 -74.32
N ASP C 160 51.38 -9.77 -73.21
CA ASP C 160 50.74 -8.68 -72.46
C ASP C 160 51.65 -7.51 -72.10
N MET C 161 52.34 -6.96 -73.10
CA MET C 161 53.23 -5.82 -72.86
C MET C 161 52.41 -4.71 -72.19
N ASP C 162 52.96 -4.07 -71.17
CA ASP C 162 52.24 -2.99 -70.49
C ASP C 162 53.06 -1.72 -70.33
N HIS C 163 54.27 -1.72 -70.85
CA HIS C 163 55.15 -0.55 -70.74
C HIS C 163 55.90 -0.24 -72.04
N GLY C 164 55.74 0.99 -72.53
CA GLY C 164 56.42 1.39 -73.75
C GLY C 164 57.79 1.97 -73.44
N VAL C 165 58.83 1.45 -74.08
CA VAL C 165 60.18 1.95 -73.84
C VAL C 165 60.94 2.25 -75.14
N LEU C 166 62.25 2.47 -75.04
CA LEU C 166 63.06 2.81 -76.20
C LEU C 166 64.32 1.95 -76.35
N VAL C 167 64.46 1.32 -77.52
CA VAL C 167 65.63 0.47 -77.76
C VAL C 167 66.66 1.32 -78.48
N VAL C 168 67.80 1.55 -77.82
CA VAL C 168 68.85 2.38 -78.40
C VAL C 168 70.04 1.60 -78.92
N GLY C 169 69.92 0.27 -78.93
CA GLY C 169 71.01 -0.55 -79.41
C GLY C 169 70.91 -1.97 -78.90
N TYR C 170 72.03 -2.69 -78.96
CA TYR C 170 72.10 -4.07 -78.51
C TYR C 170 73.56 -4.54 -78.56
N GLY C 171 73.79 -5.76 -78.08
CA GLY C 171 75.13 -6.31 -78.08
C GLY C 171 75.18 -7.63 -77.35
N PHE C 172 76.39 -8.10 -77.05
CA PHE C 172 76.55 -9.37 -76.35
C PHE C 172 77.65 -9.28 -75.30
N GLU C 173 77.53 -10.08 -74.25
CA GLU C 173 78.54 -10.10 -73.21
C GLU C 173 79.31 -11.41 -73.23
N SER C 174 80.12 -11.64 -72.20
CA SER C 174 80.91 -12.86 -72.09
C SER C 174 81.58 -12.94 -70.72
N ASN C 180 73.55 -14.49 -73.26
CA ASN C 180 74.60 -13.47 -73.20
C ASN C 180 74.32 -12.27 -74.09
N LYS C 181 73.11 -12.24 -74.68
CA LYS C 181 72.72 -11.13 -75.55
C LYS C 181 71.66 -10.25 -74.89
N TYR C 182 71.57 -9.00 -75.33
CA TYR C 182 70.62 -8.07 -74.76
C TYR C 182 70.32 -6.88 -75.65
N TRP C 183 69.25 -6.16 -75.28
CA TRP C 183 68.86 -4.95 -75.99
C TRP C 183 69.17 -3.80 -75.03
N LEU C 184 69.74 -2.73 -75.56
CA LEU C 184 70.01 -1.57 -74.71
C LEU C 184 68.68 -0.83 -74.67
N VAL C 185 68.03 -0.84 -73.53
CA VAL C 185 66.75 -0.20 -73.38
C VAL C 185 66.74 1.04 -72.50
N LYS C 186 66.25 2.14 -73.07
CA LYS C 186 66.16 3.38 -72.32
C LYS C 186 64.76 3.40 -71.73
N ASN C 187 64.68 3.57 -70.41
CA ASN C 187 63.40 3.63 -69.72
C ASN C 187 63.13 5.11 -69.49
N SER C 188 62.01 5.41 -68.84
CA SER C 188 61.60 6.78 -68.54
C SER C 188 61.18 6.85 -67.08
N TRP C 189 61.99 6.24 -66.22
CA TRP C 189 61.71 6.19 -64.80
C TRP C 189 62.78 6.90 -63.98
N GLY C 190 63.42 7.89 -64.58
CA GLY C 190 64.48 8.63 -63.89
C GLY C 190 65.78 7.85 -63.94
N GLU C 191 66.86 8.44 -63.44
CA GLU C 191 68.15 7.76 -63.49
C GLU C 191 68.57 7.03 -62.22
N GLU C 192 67.64 6.86 -61.28
CA GLU C 192 67.97 6.15 -60.04
C GLU C 192 67.37 4.75 -60.12
N TRP C 193 66.83 4.42 -61.28
CA TRP C 193 66.26 3.09 -61.51
C TRP C 193 67.21 2.40 -62.48
N GLY C 194 67.39 1.09 -62.32
CA GLY C 194 68.27 0.34 -63.20
C GLY C 194 69.65 0.94 -63.38
N MET C 195 70.23 0.72 -64.56
CA MET C 195 71.55 1.23 -64.88
C MET C 195 71.50 2.66 -65.41
N GLY C 196 71.30 3.59 -64.50
CA GLY C 196 71.23 4.99 -64.89
C GLY C 196 70.04 5.29 -65.75
N GLY C 197 68.95 4.56 -65.54
CA GLY C 197 67.74 4.77 -66.31
C GLY C 197 67.59 3.79 -67.46
N TYR C 198 68.63 3.01 -67.70
CA TYR C 198 68.64 2.00 -68.76
C TYR C 198 68.55 0.59 -68.22
N VAL C 199 68.22 -0.33 -69.11
CA VAL C 199 68.13 -1.73 -68.77
C VAL C 199 68.56 -2.56 -69.99
N LYS C 200 69.29 -3.63 -69.72
CA LYS C 200 69.74 -4.51 -70.77
C LYS C 200 68.80 -5.71 -70.79
N MET C 201 67.83 -5.67 -71.69
CA MET C 201 66.82 -6.72 -71.83
C MET C 201 67.34 -7.96 -72.57
N ALA C 202 66.93 -9.14 -72.10
CA ALA C 202 67.35 -10.42 -72.71
C ALA C 202 67.09 -10.47 -74.21
N LYS C 203 68.14 -10.64 -75.00
CA LYS C 203 67.99 -10.70 -76.45
C LYS C 203 68.04 -12.11 -77.01
N ASP C 204 67.19 -12.37 -77.98
CA ASP C 204 67.10 -13.68 -78.63
C ASP C 204 66.80 -14.80 -77.64
N ARG C 205 65.75 -14.59 -76.83
CA ARG C 205 65.30 -15.57 -75.85
C ARG C 205 63.80 -15.75 -76.10
N ARG C 206 63.46 -16.02 -77.35
CA ARG C 206 62.06 -16.22 -77.73
C ARG C 206 61.28 -14.94 -77.47
N ASN C 207 61.83 -13.81 -77.90
CA ASN C 207 61.18 -12.52 -77.73
C ASN C 207 60.75 -12.30 -76.27
N HIS C 208 61.73 -12.29 -75.39
CA HIS C 208 61.49 -12.12 -73.96
C HIS C 208 60.70 -10.84 -73.67
N CYS C 209 59.55 -11.01 -73.03
CA CYS C 209 58.63 -9.92 -72.67
C CYS C 209 58.07 -9.20 -73.90
N GLY C 210 58.16 -9.84 -75.06
CA GLY C 210 57.64 -9.26 -76.28
C GLY C 210 58.26 -7.95 -76.73
N ILE C 211 59.58 -7.85 -76.61
CA ILE C 211 60.32 -6.66 -77.00
C ILE C 211 59.97 -6.29 -78.45
N ALA C 212 59.99 -7.30 -79.31
CA ALA C 212 59.72 -7.12 -80.72
C ALA C 212 58.28 -7.32 -81.17
N SER C 213 57.35 -7.41 -80.22
CA SER C 213 55.95 -7.61 -80.59
C SER C 213 55.23 -6.33 -81.03
N ALA C 214 55.63 -5.20 -80.47
CA ALA C 214 54.99 -3.92 -80.82
C ALA C 214 56.03 -2.83 -81.04
N ALA C 215 56.94 -3.06 -81.98
CA ALA C 215 58.00 -2.11 -82.29
C ALA C 215 57.67 -1.25 -83.50
N SER C 216 58.18 -0.02 -83.50
CA SER C 216 57.95 0.87 -84.62
C SER C 216 58.77 2.15 -84.49
N TYR C 217 58.81 2.93 -85.56
CA TYR C 217 59.54 4.18 -85.58
C TYR C 217 58.83 5.16 -86.51
N PRO C 218 59.12 6.46 -86.38
CA PRO C 218 58.49 7.47 -87.22
C PRO C 218 59.34 7.91 -88.40
N THR C 219 58.69 8.29 -89.49
CA THR C 219 59.40 8.78 -90.67
C THR C 219 59.26 10.30 -90.64
N VAL C 220 60.39 10.99 -90.47
CA VAL C 220 60.39 12.45 -90.40
C VAL C 220 60.93 13.13 -91.66
N ALA D 1 -39.86 8.04 -32.94
CA ALA D 1 -38.77 7.24 -32.30
C ALA D 1 -39.30 5.90 -31.80
N PRO D 2 -38.43 4.88 -31.75
CA PRO D 2 -38.83 3.54 -31.30
C PRO D 2 -39.38 3.58 -29.87
N ARG D 3 -40.09 2.51 -29.49
CA ARG D 3 -40.65 2.39 -28.15
C ARG D 3 -39.54 1.92 -27.23
N SER D 4 -38.45 1.42 -27.82
CA SER D 4 -37.33 0.92 -27.05
C SER D 4 -36.02 0.90 -27.82
N VAL D 5 -34.92 1.07 -27.10
CA VAL D 5 -33.58 1.06 -27.68
C VAL D 5 -32.56 0.53 -26.67
N ASP D 6 -31.62 -0.26 -27.17
CA ASP D 6 -30.59 -0.82 -26.32
C ASP D 6 -29.35 -1.05 -27.17
N TRP D 7 -28.40 -0.12 -27.09
CA TRP D 7 -27.16 -0.23 -27.88
C TRP D 7 -26.26 -1.37 -27.49
N ARG D 8 -26.56 -2.04 -26.39
CA ARG D 8 -25.75 -3.18 -25.98
C ARG D 8 -26.05 -4.28 -27.00
N GLU D 9 -27.28 -4.29 -27.49
CA GLU D 9 -27.73 -5.26 -28.47
C GLU D 9 -26.82 -5.27 -29.68
N LYS D 10 -26.23 -4.12 -30.00
CA LYS D 10 -25.36 -4.05 -31.17
C LYS D 10 -23.88 -3.97 -30.86
N GLY D 11 -23.51 -4.25 -29.61
CA GLY D 11 -22.11 -4.23 -29.22
C GLY D 11 -21.48 -2.85 -29.10
N TYR D 12 -22.28 -1.87 -28.71
CA TYR D 12 -21.78 -0.51 -28.55
C TYR D 12 -21.21 -0.27 -27.15
N VAL D 13 -21.49 -1.20 -26.23
CA VAL D 13 -21.10 -1.04 -24.83
C VAL D 13 -20.12 -2.03 -24.19
N THR D 14 -19.10 -1.49 -23.52
CA THR D 14 -18.10 -2.30 -22.84
C THR D 14 -18.63 -2.68 -21.45
N PRO D 15 -18.02 -3.68 -20.79
CA PRO D 15 -18.44 -4.13 -19.46
C PRO D 15 -18.48 -2.98 -18.45
N VAL D 16 -19.22 -3.16 -17.36
CA VAL D 16 -19.30 -2.13 -16.32
C VAL D 16 -17.95 -1.93 -15.65
N LYS D 17 -17.59 -0.67 -15.44
CA LYS D 17 -16.32 -0.33 -14.80
C LYS D 17 -16.57 0.22 -13.38
N ASN D 18 -15.49 0.39 -12.62
CA ASN D 18 -15.57 0.92 -11.27
C ASN D 18 -14.52 2.02 -11.07
N GLN D 19 -14.98 3.23 -10.80
CA GLN D 19 -14.09 4.36 -10.62
C GLN D 19 -13.39 4.39 -9.27
N GLY D 20 -13.90 3.61 -8.32
CA GLY D 20 -13.29 3.58 -7.01
C GLY D 20 -13.39 4.92 -6.29
N GLN D 21 -12.70 5.04 -5.16
CA GLN D 21 -12.72 6.25 -4.36
C GLN D 21 -11.98 7.34 -5.10
N CYS D 22 -12.68 7.95 -6.05
CA CYS D 22 -12.12 9.00 -6.89
C CYS D 22 -13.25 9.62 -7.71
N GLY D 23 -13.39 10.94 -7.60
CA GLY D 23 -14.44 11.62 -8.34
C GLY D 23 -14.14 11.77 -9.81
N SER D 24 -13.94 10.64 -10.49
CA SER D 24 -13.62 10.63 -11.91
C SER D 24 -14.78 10.15 -12.79
N CYS D 25 -15.99 10.12 -12.22
CA CYS D 25 -17.19 9.68 -12.93
C CYS D 25 -17.35 10.32 -14.31
N TRP D 26 -16.87 11.55 -14.46
CA TRP D 26 -16.95 12.26 -15.72
C TRP D 26 -16.04 11.63 -16.77
N ALA D 27 -15.02 10.93 -16.31
CA ALA D 27 -14.08 10.26 -17.20
C ALA D 27 -14.68 8.94 -17.72
N PHE D 28 -15.41 8.24 -16.86
CA PHE D 28 -16.02 6.98 -17.27
C PHE D 28 -17.22 7.19 -18.20
N SER D 29 -17.90 8.32 -18.04
CA SER D 29 -19.03 8.64 -18.88
C SER D 29 -18.55 9.09 -20.27
N ALA D 30 -17.39 9.74 -20.32
CA ALA D 30 -16.82 10.20 -21.59
C ALA D 30 -16.29 9.03 -22.40
N THR D 31 -15.59 8.12 -21.73
CA THR D 31 -15.03 6.96 -22.41
C THR D 31 -16.15 6.10 -22.97
N GLY D 32 -17.23 5.96 -22.20
CA GLY D 32 -18.36 5.16 -22.66
C GLY D 32 -18.93 5.73 -23.94
N ALA D 33 -19.01 7.04 -24.03
CA ALA D 33 -19.55 7.70 -25.22
C ALA D 33 -18.58 7.53 -26.37
N LEU D 34 -17.30 7.78 -26.11
CA LEU D 34 -16.28 7.63 -27.15
C LEU D 34 -16.23 6.19 -27.62
N GLU D 35 -16.22 5.24 -26.68
CA GLU D 35 -16.20 3.82 -27.03
C GLU D 35 -17.37 3.49 -27.96
N GLY D 36 -18.54 4.03 -27.65
CA GLY D 36 -19.72 3.81 -28.47
C GLY D 36 -19.66 4.48 -29.83
N GLN D 37 -19.13 5.71 -29.88
CA GLN D 37 -19.03 6.41 -31.14
C GLN D 37 -17.93 5.88 -32.03
N MET D 38 -16.84 5.40 -31.43
CA MET D 38 -15.75 4.83 -32.21
C MET D 38 -16.27 3.51 -32.79
N PHE D 39 -17.07 2.79 -32.00
CA PHE D 39 -17.62 1.52 -32.46
C PHE D 39 -18.46 1.72 -33.72
N ARG D 40 -19.39 2.66 -33.66
CA ARG D 40 -20.24 2.98 -34.79
C ARG D 40 -19.38 3.26 -36.04
N LYS D 41 -18.24 3.91 -35.85
CA LYS D 41 -17.37 4.26 -36.96
C LYS D 41 -16.43 3.17 -37.46
N THR D 42 -16.04 2.26 -36.59
CA THR D 42 -15.09 1.22 -37.00
C THR D 42 -15.55 -0.22 -36.82
N GLY D 43 -16.66 -0.44 -36.11
CA GLY D 43 -17.13 -1.78 -35.89
C GLY D 43 -16.22 -2.50 -34.92
N ARG D 44 -15.37 -1.73 -34.23
CA ARG D 44 -14.42 -2.25 -33.26
C ARG D 44 -14.62 -1.62 -31.88
N LEU D 45 -14.95 -2.46 -30.90
CA LEU D 45 -15.15 -1.99 -29.53
C LEU D 45 -13.85 -2.11 -28.74
N ILE D 46 -13.25 -0.96 -28.42
CA ILE D 46 -12.01 -0.95 -27.65
C ILE D 46 -12.16 -0.10 -26.40
N SER D 47 -11.93 -0.69 -25.25
CA SER D 47 -12.05 0.01 -24.00
C SER D 47 -11.03 1.16 -23.97
N LEU D 48 -11.48 2.37 -23.64
CA LEU D 48 -10.60 3.54 -23.59
C LEU D 48 -10.10 3.85 -22.17
N SER D 49 -8.97 4.56 -22.07
CA SER D 49 -8.36 4.89 -20.78
C SER D 49 -8.89 6.08 -19.98
N GLU D 50 -9.55 5.79 -18.86
CA GLU D 50 -10.08 6.86 -18.00
C GLU D 50 -8.91 7.58 -17.33
N GLN D 51 -7.88 6.83 -16.98
CA GLN D 51 -6.71 7.39 -16.32
C GLN D 51 -6.05 8.46 -17.18
N ASN D 52 -6.00 8.22 -18.49
CA ASN D 52 -5.41 9.17 -19.43
C ASN D 52 -6.15 10.52 -19.33
N LEU D 53 -7.48 10.45 -19.20
CA LEU D 53 -8.30 11.65 -19.07
C LEU D 53 -8.09 12.30 -17.70
N VAL D 54 -7.93 11.47 -16.68
CA VAL D 54 -7.71 11.93 -15.32
C VAL D 54 -6.39 12.67 -15.14
N ASP D 55 -5.32 12.14 -15.73
CA ASP D 55 -3.99 12.75 -15.61
C ASP D 55 -3.72 13.93 -16.53
N CYS D 56 -4.34 13.93 -17.71
CA CYS D 56 -4.04 14.95 -18.70
C CYS D 56 -5.06 16.02 -19.09
N SER D 57 -6.30 15.93 -18.63
CA SER D 57 -7.29 16.92 -19.06
C SER D 57 -7.45 18.19 -18.23
N GLY D 58 -6.49 18.44 -17.34
CA GLY D 58 -6.53 19.65 -16.53
C GLY D 58 -6.50 20.92 -17.36
N PRO D 59 -5.75 20.96 -18.47
CA PRO D 59 -5.74 22.20 -19.26
C PRO D 59 -7.12 22.57 -19.81
N GLN D 60 -7.98 21.56 -19.97
CA GLN D 60 -9.34 21.80 -20.49
C GLN D 60 -10.30 22.20 -19.37
N GLY D 61 -9.82 22.21 -18.14
CA GLY D 61 -10.66 22.56 -17.02
C GLY D 61 -11.02 21.42 -16.10
N ASN D 62 -10.53 20.21 -16.39
CA ASN D 62 -10.83 19.10 -15.53
C ASN D 62 -9.99 19.12 -14.25
N GLU D 63 -10.39 18.35 -13.25
CA GLU D 63 -9.70 18.33 -11.97
C GLU D 63 -9.36 16.95 -11.41
N GLY D 64 -9.03 16.01 -12.30
CA GLY D 64 -8.71 14.67 -11.83
C GLY D 64 -9.80 14.09 -10.94
N CYS D 65 -9.39 13.43 -9.85
CA CYS D 65 -10.32 12.81 -8.91
C CYS D 65 -11.21 13.80 -8.16
N ASN D 66 -10.99 15.09 -8.35
CA ASN D 66 -11.81 16.08 -7.66
C ASN D 66 -13.00 16.55 -8.51
N GLY D 67 -13.07 16.09 -9.76
CA GLY D 67 -14.20 16.48 -10.58
C GLY D 67 -13.93 16.96 -11.99
N GLY D 68 -14.97 16.97 -12.81
CA GLY D 68 -14.83 17.41 -14.18
C GLY D 68 -16.12 17.38 -14.97
N LEU D 69 -16.00 17.49 -16.30
CA LEU D 69 -17.14 17.48 -17.20
C LEU D 69 -16.83 16.60 -18.39
N MET D 70 -17.85 15.93 -18.93
CA MET D 70 -17.67 15.07 -20.08
C MET D 70 -17.24 15.90 -21.30
N ASP D 71 -17.83 17.09 -21.44
CA ASP D 71 -17.47 17.95 -22.56
C ASP D 71 -16.00 18.34 -22.55
N TYR D 72 -15.43 18.58 -21.36
CA TYR D 72 -14.01 18.94 -21.27
C TYR D 72 -13.19 17.72 -21.68
N ALA D 73 -13.68 16.53 -21.34
CA ALA D 73 -13.00 15.30 -21.68
C ALA D 73 -12.94 15.13 -23.19
N PHE D 74 -14.04 15.43 -23.86
CA PHE D 74 -14.10 15.31 -25.31
C PHE D 74 -13.19 16.33 -25.98
N GLN D 75 -13.09 17.51 -25.36
CA GLN D 75 -12.25 18.58 -25.89
C GLN D 75 -10.80 18.14 -25.77
N TYR D 76 -10.44 17.54 -24.64
CA TYR D 76 -9.08 17.07 -24.45
C TYR D 76 -8.72 16.13 -25.57
N VAL D 77 -9.52 15.08 -25.77
CA VAL D 77 -9.24 14.13 -26.83
C VAL D 77 -9.03 14.89 -28.15
N GLN D 78 -9.80 15.95 -28.33
CA GLN D 78 -9.72 16.76 -29.53
C GLN D 78 -8.44 17.61 -29.59
N ASP D 79 -8.09 18.31 -28.50
CA ASP D 79 -6.87 19.12 -28.51
C ASP D 79 -5.60 18.28 -28.41
N ASN D 80 -5.74 17.04 -27.97
CA ASN D 80 -4.61 16.13 -27.79
C ASN D 80 -4.27 15.29 -29.01
N GLY D 81 -5.26 15.06 -29.87
CA GLY D 81 -5.03 14.27 -31.06
C GLY D 81 -5.13 12.77 -30.84
N GLY D 82 -5.71 12.35 -29.73
CA GLY D 82 -5.87 10.94 -29.47
C GLY D 82 -6.18 10.61 -28.02
N LEU D 83 -6.34 9.32 -27.74
CA LEU D 83 -6.64 8.84 -26.41
C LEU D 83 -6.18 7.38 -26.33
N ASP D 84 -5.37 7.06 -25.33
CA ASP D 84 -4.85 5.70 -25.15
C ASP D 84 -5.92 4.70 -24.72
N SER D 85 -5.68 3.43 -25.04
CA SER D 85 -6.62 2.38 -24.69
C SER D 85 -6.55 2.08 -23.20
N GLU D 86 -7.58 1.40 -22.70
CA GLU D 86 -7.67 1.01 -21.30
C GLU D 86 -6.49 0.11 -20.91
N GLU D 87 -6.09 -0.76 -21.84
CA GLU D 87 -4.99 -1.71 -21.62
C GLU D 87 -3.63 -1.04 -21.48
N SER D 88 -3.35 -0.04 -22.30
CA SER D 88 -2.07 0.66 -22.27
C SER D 88 -1.95 1.71 -21.15
N TYR D 89 -3.08 2.22 -20.66
CA TYR D 89 -3.05 3.24 -19.63
C TYR D 89 -4.05 2.84 -18.52
N PRO D 90 -3.76 1.74 -17.81
CA PRO D 90 -4.58 1.19 -16.73
C PRO D 90 -5.12 2.20 -15.73
N TYR D 91 -6.31 1.93 -15.21
CA TYR D 91 -6.95 2.81 -14.24
C TYR D 91 -6.33 2.64 -12.85
N GLU D 92 -6.00 3.76 -12.19
CA GLU D 92 -5.39 3.71 -10.86
C GLU D 92 -6.16 4.44 -9.76
N ALA D 93 -7.32 4.98 -10.09
CA ALA D 93 -8.15 5.68 -9.12
C ALA D 93 -7.45 6.83 -8.38
N THR D 94 -6.38 7.37 -8.97
CA THR D 94 -5.65 8.47 -8.36
C THR D 94 -4.99 9.29 -9.46
N GLU D 95 -4.79 10.59 -9.23
CA GLU D 95 -4.18 11.44 -10.25
C GLU D 95 -2.66 11.42 -10.18
N GLU D 96 -2.05 11.18 -11.33
CA GLU D 96 -0.60 11.14 -11.47
C GLU D 96 -0.24 12.06 -12.64
N SER D 97 1.05 12.32 -12.82
CA SER D 97 1.47 13.16 -13.93
C SER D 97 1.01 12.48 -15.22
N CYS D 98 0.74 13.29 -16.24
CA CYS D 98 0.28 12.76 -17.51
C CYS D 98 1.34 11.92 -18.21
N LYS D 99 0.93 10.76 -18.72
CA LYS D 99 1.85 9.85 -19.41
C LYS D 99 1.29 9.38 -20.73
N TYR D 100 0.47 10.22 -21.37
CA TYR D 100 -0.10 9.89 -22.66
C TYR D 100 1.00 9.51 -23.66
N ASN D 101 0.75 8.48 -24.45
CA ASN D 101 1.71 8.05 -25.47
C ASN D 101 0.96 7.80 -26.78
N PRO D 102 1.18 8.68 -27.77
CA PRO D 102 0.54 8.59 -29.08
C PRO D 102 0.58 7.22 -29.72
N LYS D 103 1.65 6.47 -29.46
CA LYS D 103 1.79 5.13 -30.03
C LYS D 103 0.62 4.22 -29.67
N TYR D 104 0.03 4.46 -28.50
CA TYR D 104 -1.08 3.64 -28.06
C TYR D 104 -2.46 4.32 -28.12
N SER D 105 -2.59 5.36 -28.93
CA SER D 105 -3.89 6.03 -29.06
C SER D 105 -4.77 5.11 -29.91
N VAL D 106 -6.07 5.11 -29.63
CA VAL D 106 -6.98 4.25 -30.37
C VAL D 106 -8.34 4.90 -30.63
N ALA D 107 -8.50 6.13 -30.16
CA ALA D 107 -9.76 6.85 -30.34
C ALA D 107 -9.51 8.34 -30.51
N ASN D 108 -10.42 9.01 -31.22
CA ASN D 108 -10.29 10.45 -31.42
C ASN D 108 -11.66 11.08 -31.68
N ASP D 109 -11.71 12.40 -31.64
CA ASP D 109 -12.95 13.10 -31.90
C ASP D 109 -12.69 14.50 -32.42
N THR D 110 -13.73 15.10 -32.99
CA THR D 110 -13.62 16.44 -33.53
C THR D 110 -14.66 17.33 -32.85
N GLY D 111 -14.65 17.34 -31.53
CA GLY D 111 -15.60 18.15 -30.79
C GLY D 111 -16.72 17.31 -30.20
N PHE D 112 -17.83 17.98 -29.86
CA PHE D 112 -18.96 17.28 -29.28
C PHE D 112 -20.26 17.99 -29.59
N VAL D 113 -21.37 17.37 -29.19
CA VAL D 113 -22.68 17.95 -29.42
C VAL D 113 -23.46 17.92 -28.11
N ASP D 114 -23.95 19.08 -27.68
CA ASP D 114 -24.75 19.16 -26.47
C ASP D 114 -26.23 19.15 -26.85
N ILE D 115 -26.93 18.10 -26.42
CA ILE D 115 -28.35 17.95 -26.74
C ILE D 115 -29.20 18.98 -26.01
N PRO D 116 -30.29 19.46 -26.64
CA PRO D 116 -31.16 20.45 -25.99
C PRO D 116 -31.73 19.83 -24.72
N LYS D 117 -31.89 20.64 -23.67
CA LYS D 117 -32.39 20.14 -22.38
C LYS D 117 -33.85 19.65 -22.29
N GLN D 118 -34.18 18.63 -23.07
CA GLN D 118 -35.52 18.03 -23.05
C GLN D 118 -35.38 16.51 -23.18
N GLU D 119 -36.19 15.77 -22.44
CA GLU D 119 -36.13 14.32 -22.51
C GLU D 119 -36.48 13.88 -23.92
N LYS D 120 -37.24 14.72 -24.61
CA LYS D 120 -37.65 14.47 -25.98
C LYS D 120 -36.44 14.49 -26.91
N ALA D 121 -35.60 15.52 -26.77
CA ALA D 121 -34.41 15.62 -27.61
C ALA D 121 -33.39 14.54 -27.24
N LEU D 122 -33.42 14.10 -25.98
CA LEU D 122 -32.50 13.05 -25.53
C LEU D 122 -32.94 11.70 -26.07
N MET D 123 -34.25 11.52 -26.20
CA MET D 123 -34.77 10.26 -26.74
C MET D 123 -34.33 10.08 -28.19
N LYS D 124 -34.54 11.10 -29.01
CA LYS D 124 -34.14 11.02 -30.41
C LYS D 124 -32.65 10.74 -30.54
N ALA D 125 -31.84 11.48 -29.77
CA ALA D 125 -30.40 11.31 -29.80
C ALA D 125 -29.98 9.89 -29.43
N VAL D 126 -30.60 9.35 -28.38
CA VAL D 126 -30.27 8.01 -27.94
C VAL D 126 -30.67 6.99 -29.02
N ALA D 127 -31.57 7.39 -29.90
CA ALA D 127 -32.03 6.50 -30.97
C ALA D 127 -31.23 6.62 -32.27
N THR D 128 -30.71 7.80 -32.56
CA THR D 128 -29.98 8.00 -33.81
C THR D 128 -28.47 8.15 -33.68
N VAL D 129 -27.98 8.32 -32.45
CA VAL D 129 -26.55 8.49 -32.25
C VAL D 129 -25.89 7.34 -31.54
N GLY D 130 -26.50 6.89 -30.45
CA GLY D 130 -25.93 5.80 -29.68
C GLY D 130 -25.83 6.21 -28.22
N PRO D 131 -25.05 5.50 -27.39
CA PRO D 131 -24.91 5.86 -25.98
C PRO D 131 -24.61 7.34 -25.80
N ILE D 132 -25.34 7.99 -24.90
CA ILE D 132 -25.16 9.42 -24.63
C ILE D 132 -24.65 9.68 -23.21
N SER D 133 -23.70 10.60 -23.07
CA SER D 133 -23.18 10.95 -21.76
C SER D 133 -24.16 11.92 -21.11
N VAL D 134 -24.56 11.65 -19.86
CA VAL D 134 -25.51 12.51 -19.16
C VAL D 134 -25.12 12.69 -17.70
N ALA D 135 -25.59 13.78 -17.11
CA ALA D 135 -25.31 14.06 -15.70
C ALA D 135 -26.62 13.95 -14.95
N ILE D 136 -26.57 13.28 -13.80
CA ILE D 136 -27.77 13.10 -13.01
C ILE D 136 -27.55 13.51 -11.57
N ASP D 137 -28.64 13.76 -10.86
CA ASP D 137 -28.58 14.11 -9.46
C ASP D 137 -28.65 12.78 -8.73
N ALA D 138 -27.50 12.32 -8.26
CA ALA D 138 -27.41 11.05 -7.54
C ALA D 138 -27.14 11.41 -6.09
N GLY D 139 -27.58 12.61 -5.73
CA GLY D 139 -27.35 13.10 -4.38
C GLY D 139 -28.26 12.56 -3.29
N HIS D 140 -28.61 11.28 -3.36
CA HIS D 140 -29.49 10.70 -2.34
C HIS D 140 -29.19 9.26 -1.92
N GLU D 141 -29.48 8.97 -0.65
CA GLU D 141 -29.31 7.64 -0.07
C GLU D 141 -29.84 6.59 -1.04
N SER D 142 -31.06 6.83 -1.51
CA SER D 142 -31.77 5.95 -2.42
C SER D 142 -31.00 5.52 -3.66
N PHE D 143 -30.37 6.48 -4.33
CA PHE D 143 -29.63 6.15 -5.54
C PHE D 143 -28.54 5.17 -5.18
N LEU D 144 -27.81 5.55 -4.14
CA LEU D 144 -26.71 4.76 -3.64
C LEU D 144 -27.08 3.36 -3.19
N PHE D 145 -28.29 3.20 -2.63
CA PHE D 145 -28.73 1.89 -2.17
C PHE D 145 -29.61 1.20 -3.19
N TYR D 146 -29.75 1.83 -4.36
CA TYR D 146 -30.56 1.27 -5.45
C TYR D 146 -30.16 -0.18 -5.73
N LYS D 147 -31.17 -1.05 -5.81
CA LYS D 147 -30.96 -2.48 -6.07
C LYS D 147 -31.62 -2.95 -7.38
N GLU D 148 -32.88 -2.55 -7.59
CA GLU D 148 -33.60 -2.94 -8.80
C GLU D 148 -34.88 -2.14 -9.05
N GLY D 149 -35.38 -2.23 -10.28
CA GLY D 149 -36.60 -1.53 -10.65
C GLY D 149 -36.36 -0.16 -11.26
N ILE D 150 -37.43 0.61 -11.46
CA ILE D 150 -37.27 1.95 -12.00
C ILE D 150 -37.01 2.91 -10.85
N TYR D 151 -35.91 3.64 -10.93
CA TYR D 151 -35.51 4.57 -9.89
C TYR D 151 -36.32 5.86 -9.95
N PHE D 152 -36.82 6.29 -8.78
CA PHE D 152 -37.59 7.52 -8.69
C PHE D 152 -37.39 8.17 -7.33
N GLU D 153 -36.56 9.22 -7.30
CA GLU D 153 -36.28 9.92 -6.06
C GLU D 153 -37.17 11.16 -5.93
N PRO D 154 -38.22 11.06 -5.11
CA PRO D 154 -39.14 12.20 -4.92
C PRO D 154 -38.41 13.52 -4.68
N ASP D 155 -37.21 13.43 -4.10
CA ASP D 155 -36.45 14.63 -3.80
C ASP D 155 -35.40 15.00 -4.85
N CYS D 156 -35.46 14.36 -6.01
CA CYS D 156 -34.48 14.65 -7.05
C CYS D 156 -34.65 16.05 -7.63
N SER D 157 -33.55 16.58 -8.14
CA SER D 157 -33.51 17.89 -8.77
C SER D 157 -33.19 17.74 -10.25
N SER D 158 -33.73 18.63 -11.07
CA SER D 158 -33.48 18.59 -12.50
C SER D 158 -32.49 19.70 -12.82
N GLU D 159 -31.89 20.27 -11.77
CA GLU D 159 -30.93 21.35 -11.94
C GLU D 159 -29.53 21.02 -11.42
N ASP D 160 -29.45 20.55 -10.18
CA ASP D 160 -28.16 20.23 -9.59
C ASP D 160 -27.70 18.78 -9.74
N MET D 161 -27.30 18.41 -10.95
CA MET D 161 -26.82 17.05 -11.17
C MET D 161 -25.41 17.01 -10.57
N ASP D 162 -24.96 15.83 -10.15
CA ASP D 162 -23.64 15.71 -9.56
C ASP D 162 -22.90 14.42 -9.93
N HIS D 163 -23.51 13.59 -10.76
CA HIS D 163 -22.90 12.33 -11.15
C HIS D 163 -22.98 12.03 -12.65
N GLY D 164 -21.82 11.76 -13.25
CA GLY D 164 -21.77 11.45 -14.66
C GLY D 164 -22.00 9.98 -14.89
N VAL D 165 -22.87 9.66 -15.84
CA VAL D 165 -23.20 8.27 -16.17
C VAL D 165 -23.47 8.16 -17.67
N LEU D 166 -23.91 6.98 -18.11
CA LEU D 166 -24.18 6.75 -19.53
C LEU D 166 -25.55 6.15 -19.80
N VAL D 167 -26.25 6.72 -20.79
CA VAL D 167 -27.55 6.22 -21.19
C VAL D 167 -27.28 5.36 -22.41
N VAL D 168 -27.64 4.08 -22.33
CA VAL D 168 -27.43 3.15 -23.45
C VAL D 168 -28.71 2.88 -24.24
N GLY D 169 -29.83 3.35 -23.71
CA GLY D 169 -31.10 3.14 -24.38
C GLY D 169 -32.27 3.56 -23.51
N TYR D 170 -33.44 3.03 -23.81
CA TYR D 170 -34.65 3.34 -23.07
C TYR D 170 -35.73 2.33 -23.42
N GLY D 171 -36.68 2.15 -22.51
CA GLY D 171 -37.74 1.20 -22.76
C GLY D 171 -38.88 1.33 -21.77
N PHE D 172 -39.69 0.27 -21.67
CA PHE D 172 -40.83 0.29 -20.77
C PHE D 172 -41.14 -1.10 -20.24
N GLU D 173 -41.84 -1.16 -19.11
CA GLU D 173 -42.21 -2.42 -18.51
C GLU D 173 -43.71 -2.67 -18.74
N SER D 174 -44.19 -3.85 -18.38
CA SER D 174 -45.59 -4.19 -18.57
C SER D 174 -46.42 -3.94 -17.31
N ASN D 180 -43.85 3.90 -15.79
CA ASN D 180 -43.42 2.61 -16.30
C ASN D 180 -42.33 2.70 -17.37
N LYS D 181 -41.93 3.91 -17.74
CA LYS D 181 -40.89 4.10 -18.75
C LYS D 181 -39.57 4.42 -18.07
N TYR D 182 -38.46 4.03 -18.69
CA TYR D 182 -37.16 4.27 -18.10
C TYR D 182 -36.06 4.49 -19.11
N TRP D 183 -34.99 5.12 -18.64
CA TRP D 183 -33.79 5.37 -19.41
C TRP D 183 -32.89 4.24 -18.93
N LEU D 184 -32.25 3.52 -19.84
CA LEU D 184 -31.37 2.43 -19.42
C LEU D 184 -30.02 3.10 -19.15
N VAL D 185 -29.63 3.14 -17.88
CA VAL D 185 -28.40 3.80 -17.52
C VAL D 185 -27.27 2.91 -17.04
N LYS D 186 -26.09 3.18 -17.58
CA LYS D 186 -24.90 2.44 -17.22
C LYS D 186 -24.10 3.35 -16.28
N ASN D 187 -23.77 2.79 -15.12
CA ASN D 187 -23.02 3.51 -14.09
C ASN D 187 -21.59 2.96 -14.04
N SER D 188 -20.69 3.68 -13.37
CA SER D 188 -19.30 3.25 -13.25
C SER D 188 -18.98 2.98 -11.78
N TRP D 189 -19.89 2.28 -11.11
CA TRP D 189 -19.72 1.97 -9.70
C TRP D 189 -19.52 0.48 -9.47
N GLY D 190 -19.12 -0.24 -10.53
CA GLY D 190 -18.89 -1.67 -10.40
C GLY D 190 -20.18 -2.45 -10.56
N GLU D 191 -20.09 -3.76 -10.69
CA GLU D 191 -21.29 -4.59 -10.85
C GLU D 191 -22.04 -4.90 -9.56
N GLU D 192 -21.42 -4.61 -8.41
CA GLU D 192 -22.07 -4.88 -7.13
C GLU D 192 -23.08 -3.81 -6.72
N TRP D 193 -23.27 -2.81 -7.58
CA TRP D 193 -24.23 -1.74 -7.32
C TRP D 193 -25.41 -1.85 -8.27
N GLY D 194 -26.60 -1.48 -7.80
CA GLY D 194 -27.79 -1.55 -8.64
C GLY D 194 -28.00 -2.89 -9.33
N MET D 195 -28.50 -2.85 -10.56
CA MET D 195 -28.73 -4.07 -11.33
C MET D 195 -27.47 -4.39 -12.14
N GLY D 196 -26.59 -5.21 -11.58
CA GLY D 196 -25.37 -5.56 -12.29
C GLY D 196 -24.55 -4.36 -12.75
N GLY D 197 -24.68 -3.26 -12.01
CA GLY D 197 -23.97 -2.05 -12.37
C GLY D 197 -24.89 -1.05 -13.07
N TYR D 198 -26.01 -1.54 -13.58
CA TYR D 198 -26.96 -0.68 -14.27
C TYR D 198 -28.05 -0.17 -13.36
N VAL D 199 -28.90 0.68 -13.91
CA VAL D 199 -30.02 1.26 -13.19
C VAL D 199 -31.01 1.72 -14.25
N LYS D 200 -32.30 1.69 -13.89
CA LYS D 200 -33.35 2.15 -14.80
C LYS D 200 -33.93 3.44 -14.23
N MET D 201 -33.51 4.57 -14.80
CA MET D 201 -33.97 5.89 -14.36
C MET D 201 -35.33 6.26 -14.97
N ALA D 202 -36.25 6.72 -14.13
CA ALA D 202 -37.59 7.09 -14.57
C ALA D 202 -37.54 7.96 -15.81
N LYS D 203 -38.22 7.54 -16.87
CA LYS D 203 -38.23 8.33 -18.09
C LYS D 203 -39.58 9.04 -18.24
N ASP D 204 -39.54 10.24 -18.80
CA ASP D 204 -40.76 11.03 -18.98
C ASP D 204 -41.48 11.41 -17.69
N ARG D 205 -40.73 11.59 -16.61
CA ARG D 205 -41.29 12.00 -15.33
C ARG D 205 -40.74 13.39 -15.04
N ARG D 206 -41.01 14.34 -15.94
CA ARG D 206 -40.55 15.71 -15.80
C ARG D 206 -39.02 15.85 -15.66
N ASN D 207 -38.28 15.25 -16.59
CA ASN D 207 -36.81 15.32 -16.56
C ASN D 207 -36.33 14.92 -15.18
N HIS D 208 -36.73 13.73 -14.74
CA HIS D 208 -36.37 13.21 -13.43
C HIS D 208 -34.86 13.23 -13.16
N CYS D 209 -34.49 13.87 -12.05
CA CYS D 209 -33.10 13.99 -11.64
C CYS D 209 -32.23 14.72 -12.66
N GLY D 210 -32.85 15.20 -13.73
CA GLY D 210 -32.13 15.93 -14.76
C GLY D 210 -31.35 15.15 -15.81
N ILE D 211 -31.79 13.93 -16.13
CA ILE D 211 -31.07 13.11 -17.13
C ILE D 211 -30.87 13.83 -18.46
N ALA D 212 -31.71 14.80 -18.78
CA ALA D 212 -31.60 15.51 -20.05
C ALA D 212 -31.08 16.94 -19.98
N SER D 213 -30.53 17.32 -18.83
CA SER D 213 -30.02 18.68 -18.67
C SER D 213 -28.58 18.87 -19.14
N ALA D 214 -27.79 17.81 -19.13
CA ALA D 214 -26.40 17.92 -19.57
C ALA D 214 -26.00 16.71 -20.37
N ALA D 215 -26.82 16.38 -21.37
CA ALA D 215 -26.56 15.24 -22.22
C ALA D 215 -25.69 15.67 -23.39
N SER D 216 -24.75 14.81 -23.77
CA SER D 216 -23.89 15.15 -24.87
C SER D 216 -23.16 13.92 -25.37
N TYR D 217 -22.58 14.04 -26.56
CA TYR D 217 -21.82 12.95 -27.14
C TYR D 217 -20.72 13.59 -27.97
N PRO D 218 -19.61 12.87 -28.18
CA PRO D 218 -18.50 13.41 -28.97
C PRO D 218 -18.67 13.06 -30.45
N THR D 219 -18.20 13.94 -31.33
CA THR D 219 -18.28 13.69 -32.77
C THR D 219 -16.94 13.13 -33.21
N VAL D 220 -16.95 11.91 -33.73
CA VAL D 220 -15.73 11.23 -34.18
C VAL D 220 -15.76 11.06 -35.70
N ALA E 1 -17.65 46.03 47.98
CA ALA E 1 -19.02 45.58 47.57
C ALA E 1 -20.08 46.38 48.36
N PRO E 2 -21.35 46.27 47.95
CA PRO E 2 -22.46 46.97 48.60
C PRO E 2 -22.42 46.90 50.12
N ARG E 3 -22.87 47.97 50.77
CA ARG E 3 -22.90 48.05 52.23
C ARG E 3 -23.96 47.11 52.80
N SER E 4 -24.95 46.78 52.00
CA SER E 4 -26.02 45.90 52.44
C SER E 4 -26.59 45.06 51.30
N VAL E 5 -26.94 43.82 51.62
CA VAL E 5 -27.52 42.90 50.65
C VAL E 5 -28.56 42.03 51.33
N ASP E 6 -29.67 41.79 50.64
CA ASP E 6 -30.76 40.97 51.17
C ASP E 6 -31.57 40.45 49.99
N TRP E 7 -31.28 39.22 49.58
CA TRP E 7 -31.97 38.62 48.44
C TRP E 7 -33.46 38.37 48.65
N ARG E 8 -33.90 38.38 49.91
CA ARG E 8 -35.31 38.16 50.20
C ARG E 8 -36.10 39.26 49.50
N GLU E 9 -35.50 40.44 49.47
CA GLU E 9 -36.11 41.62 48.85
C GLU E 9 -36.39 41.41 47.36
N LYS E 10 -35.68 40.47 46.72
CA LYS E 10 -35.84 40.24 45.30
C LYS E 10 -36.61 38.98 44.90
N GLY E 11 -37.01 38.18 45.89
CA GLY E 11 -37.76 36.98 45.60
C GLY E 11 -36.94 35.71 45.47
N TYR E 12 -35.65 35.80 45.78
CA TYR E 12 -34.78 34.63 45.69
C TYR E 12 -35.07 33.58 46.75
N VAL E 13 -35.59 34.03 47.90
CA VAL E 13 -35.86 33.15 49.02
C VAL E 13 -37.31 32.73 49.18
N THR E 14 -37.50 31.48 49.61
CA THR E 14 -38.81 30.92 49.87
C THR E 14 -39.05 31.14 51.36
N PRO E 15 -40.25 30.85 51.87
CA PRO E 15 -40.51 31.03 53.30
C PRO E 15 -39.63 30.11 54.14
N VAL E 16 -39.58 30.38 55.45
CA VAL E 16 -38.78 29.58 56.37
C VAL E 16 -39.44 28.21 56.54
N LYS E 17 -38.64 27.15 56.51
CA LYS E 17 -39.17 25.80 56.68
C LYS E 17 -38.74 25.20 58.01
N ASN E 18 -39.22 23.99 58.29
CA ASN E 18 -38.90 23.31 59.55
C ASN E 18 -38.43 21.87 59.31
N GLN E 19 -37.20 21.56 59.74
CA GLN E 19 -36.65 20.22 59.56
C GLN E 19 -37.09 19.27 60.65
N GLY E 20 -37.77 19.81 61.65
CA GLY E 20 -38.24 18.97 62.74
C GLY E 20 -37.12 18.17 63.40
N GLN E 21 -37.50 17.08 64.06
CA GLN E 21 -36.56 16.21 64.76
C GLN E 21 -35.92 15.25 63.75
N CYS E 22 -34.97 15.79 63.00
CA CYS E 22 -34.25 15.06 61.96
C CYS E 22 -33.03 15.88 61.51
N GLY E 23 -31.84 15.30 61.62
CA GLY E 23 -30.65 16.01 61.21
C GLY E 23 -30.58 16.13 59.70
N SER E 24 -31.52 16.87 59.13
CA SER E 24 -31.58 17.06 57.70
C SER E 24 -31.26 18.49 57.32
N CYS E 25 -30.72 19.25 58.26
CA CYS E 25 -30.39 20.64 57.99
C CYS E 25 -29.61 20.84 56.71
N TRP E 26 -28.72 19.90 56.36
CA TRP E 26 -27.93 20.00 55.14
C TRP E 26 -28.83 20.04 53.91
N ALA E 27 -29.99 19.39 54.00
CA ALA E 27 -30.94 19.34 52.89
C ALA E 27 -31.66 20.69 52.68
N PHE E 28 -32.02 21.38 53.76
CA PHE E 28 -32.71 22.66 53.62
C PHE E 28 -31.74 23.75 53.19
N SER E 29 -30.44 23.52 53.40
CA SER E 29 -29.45 24.51 53.00
C SER E 29 -29.25 24.37 51.50
N ALA E 30 -29.20 23.13 51.03
CA ALA E 30 -29.00 22.85 49.62
C ALA E 30 -30.21 23.32 48.82
N THR E 31 -31.41 22.99 49.29
CA THR E 31 -32.62 23.40 48.60
C THR E 31 -32.73 24.92 48.61
N GLY E 32 -32.44 25.53 49.77
CA GLY E 32 -32.51 26.97 49.88
C GLY E 32 -31.67 27.64 48.81
N ALA E 33 -30.40 27.25 48.72
CA ALA E 33 -29.48 27.82 47.74
C ALA E 33 -29.87 27.51 46.29
N LEU E 34 -30.47 26.34 46.07
CA LEU E 34 -30.89 25.95 44.73
C LEU E 34 -32.10 26.78 44.34
N GLU E 35 -33.02 26.96 45.29
CA GLU E 35 -34.22 27.74 45.06
C GLU E 35 -33.76 29.15 44.66
N GLY E 36 -32.72 29.62 45.32
CA GLY E 36 -32.17 30.93 45.02
C GLY E 36 -31.59 31.01 43.63
N GLN E 37 -30.95 29.94 43.19
CA GLN E 37 -30.35 29.90 41.86
C GLN E 37 -31.39 29.67 40.76
N MET E 38 -32.17 28.61 40.88
CA MET E 38 -33.21 28.33 39.89
C MET E 38 -34.06 29.58 39.68
N PHE E 39 -33.97 30.52 40.62
CA PHE E 39 -34.72 31.76 40.51
C PHE E 39 -33.92 32.71 39.63
N ARG E 40 -32.72 33.05 40.09
CA ARG E 40 -31.83 33.93 39.33
C ARG E 40 -31.75 33.50 37.88
N LYS E 41 -32.11 32.25 37.62
CA LYS E 41 -32.08 31.71 36.27
C LYS E 41 -33.40 31.82 35.53
N THR E 42 -34.46 31.24 36.10
CA THR E 42 -35.75 31.24 35.46
C THR E 42 -36.73 32.34 35.88
N GLY E 43 -36.47 32.96 37.03
CA GLY E 43 -37.36 34.02 37.49
C GLY E 43 -38.53 33.51 38.31
N ARG E 44 -38.58 32.20 38.51
CA ARG E 44 -39.66 31.60 39.29
C ARG E 44 -39.11 30.95 40.55
N LEU E 45 -39.78 31.17 41.67
CA LEU E 45 -39.37 30.59 42.94
C LEU E 45 -40.21 29.36 43.22
N ILE E 46 -39.59 28.18 43.23
CA ILE E 46 -40.30 26.93 43.48
C ILE E 46 -39.71 26.14 44.65
N SER E 47 -40.48 25.97 45.70
CA SER E 47 -40.02 25.24 46.88
C SER E 47 -39.54 23.86 46.43
N LEU E 48 -38.30 23.52 46.79
CA LEU E 48 -37.73 22.25 46.42
C LEU E 48 -37.87 21.18 47.50
N SER E 49 -37.74 19.92 47.09
CA SER E 49 -37.88 18.78 48.00
C SER E 49 -36.65 18.42 48.83
N GLU E 50 -36.79 18.53 50.15
CA GLU E 50 -35.71 18.19 51.06
C GLU E 50 -35.74 16.69 51.31
N GLN E 51 -36.95 16.13 51.28
CA GLN E 51 -37.14 14.70 51.50
C GLN E 51 -36.48 13.93 50.36
N ASN E 52 -36.56 14.51 49.17
CA ASN E 52 -35.99 13.91 47.96
C ASN E 52 -34.48 13.72 48.16
N LEU E 53 -33.83 14.74 48.74
CA LEU E 53 -32.40 14.66 48.99
C LEU E 53 -32.15 13.66 50.13
N VAL E 54 -33.02 13.71 51.14
CA VAL E 54 -32.90 12.85 52.31
C VAL E 54 -33.02 11.35 52.02
N ASP E 55 -33.89 10.98 51.08
CA ASP E 55 -34.09 9.57 50.74
C ASP E 55 -33.24 9.05 49.58
N CYS E 56 -32.71 9.95 48.76
CA CYS E 56 -31.93 9.54 47.58
C CYS E 56 -30.46 9.94 47.46
N SER E 57 -29.92 10.72 48.38
CA SER E 57 -28.52 11.12 48.21
C SER E 57 -27.52 10.31 49.02
N GLY E 58 -27.92 9.10 49.40
CA GLY E 58 -27.02 8.24 50.15
C GLY E 58 -25.77 7.94 49.34
N PRO E 59 -25.92 7.53 48.07
CA PRO E 59 -24.79 7.22 47.19
C PRO E 59 -23.78 8.36 47.06
N GLN E 60 -24.22 9.58 47.35
CA GLN E 60 -23.33 10.73 47.26
C GLN E 60 -22.61 10.98 48.57
N GLY E 61 -22.96 10.21 49.60
CA GLY E 61 -22.32 10.35 50.89
C GLY E 61 -23.16 10.91 52.03
N ASN E 62 -24.45 11.12 51.82
CA ASN E 62 -25.29 11.66 52.88
C ASN E 62 -25.88 10.55 53.76
N GLU E 63 -26.29 10.93 54.96
CA GLU E 63 -26.84 9.98 55.93
C GLU E 63 -28.24 10.26 56.45
N GLY E 64 -29.17 10.62 55.57
CA GLY E 64 -30.54 10.89 55.99
C GLY E 64 -30.68 11.86 57.16
N CYS E 65 -31.40 11.44 58.21
CA CYS E 65 -31.59 12.30 59.38
C CYS E 65 -30.38 12.28 60.30
N ASN E 66 -29.36 11.51 59.93
CA ASN E 66 -28.14 11.40 60.72
C ASN E 66 -27.04 12.35 60.27
N GLY E 67 -27.24 13.03 59.16
CA GLY E 67 -26.22 13.96 58.71
C GLY E 67 -25.97 13.97 57.22
N GLY E 68 -25.30 15.02 56.76
CA GLY E 68 -25.00 15.15 55.35
C GLY E 68 -24.22 16.43 55.07
N LEU E 69 -24.04 16.70 53.78
CA LEU E 69 -23.32 17.88 53.33
C LEU E 69 -24.13 18.51 52.21
N MET E 70 -24.03 19.83 52.08
CA MET E 70 -24.76 20.52 51.02
C MET E 70 -24.16 20.13 49.66
N ASP E 71 -22.84 20.01 49.60
CA ASP E 71 -22.18 19.65 48.36
C ASP E 71 -22.56 18.25 47.92
N TYR E 72 -22.85 17.40 48.90
CA TYR E 72 -23.26 16.03 48.63
C TYR E 72 -24.64 16.01 47.98
N ALA E 73 -25.52 16.90 48.42
CA ALA E 73 -26.86 16.98 47.87
C ALA E 73 -26.80 17.60 46.49
N PHE E 74 -25.89 18.55 46.30
CA PHE E 74 -25.75 19.20 45.01
C PHE E 74 -25.32 18.16 43.98
N GLN E 75 -24.29 17.38 44.35
CA GLN E 75 -23.78 16.34 43.48
C GLN E 75 -24.94 15.42 43.12
N TYR E 76 -25.79 15.13 44.10
CA TYR E 76 -26.93 14.26 43.86
C TYR E 76 -27.84 14.81 42.76
N VAL E 77 -28.21 16.07 42.88
CA VAL E 77 -29.09 16.70 41.88
C VAL E 77 -28.49 16.60 40.49
N GLN E 78 -27.17 16.51 40.41
CA GLN E 78 -26.50 16.39 39.13
C GLN E 78 -26.46 14.94 38.66
N ASP E 79 -25.91 14.06 39.49
CA ASP E 79 -25.82 12.64 39.15
C ASP E 79 -27.23 12.08 38.97
N ASN E 80 -28.21 12.89 39.32
CA ASN E 80 -29.61 12.52 39.21
C ASN E 80 -30.27 13.43 38.17
N GLY E 81 -29.58 14.52 37.84
CA GLY E 81 -30.10 15.46 36.87
C GLY E 81 -31.56 15.77 37.08
N GLY E 82 -31.86 16.46 38.18
CA GLY E 82 -33.24 16.82 38.47
C GLY E 82 -33.64 16.59 39.91
N LEU E 83 -34.45 17.50 40.44
CA LEU E 83 -34.93 17.42 41.81
C LEU E 83 -36.42 17.72 41.87
N ASP E 84 -37.17 16.86 42.55
CA ASP E 84 -38.61 17.04 42.67
C ASP E 84 -38.94 18.31 43.46
N SER E 85 -40.12 18.85 43.21
CA SER E 85 -40.58 20.05 43.89
C SER E 85 -40.92 19.66 45.33
N GLU E 86 -41.46 20.60 46.11
CA GLU E 86 -41.83 20.30 47.48
C GLU E 86 -43.22 19.73 47.48
N GLU E 87 -44.03 20.21 46.54
CA GLU E 87 -45.42 19.78 46.38
C GLU E 87 -45.52 18.29 46.06
N SER E 88 -44.71 17.83 45.11
CA SER E 88 -44.72 16.44 44.69
C SER E 88 -44.05 15.48 45.68
N TYR E 89 -43.02 15.97 46.37
CA TYR E 89 -42.29 15.13 47.32
C TYR E 89 -42.28 15.77 48.73
N PRO E 90 -43.37 15.58 49.49
CA PRO E 90 -43.53 16.12 50.85
C PRO E 90 -42.39 15.79 51.80
N TYR E 91 -42.28 16.56 52.88
CA TYR E 91 -41.24 16.36 53.89
C TYR E 91 -41.85 15.52 55.01
N GLU E 92 -41.11 14.52 55.48
CA GLU E 92 -41.61 13.64 56.54
C GLU E 92 -40.72 13.59 57.77
N ALA E 93 -39.65 14.37 57.76
CA ALA E 93 -38.72 14.42 58.88
C ALA E 93 -38.21 13.05 59.29
N THR E 94 -38.03 12.17 58.30
CA THR E 94 -37.53 10.83 58.53
C THR E 94 -37.15 10.20 57.19
N GLU E 95 -36.11 9.38 57.19
CA GLU E 95 -35.66 8.74 55.97
C GLU E 95 -36.53 7.56 55.54
N GLU E 96 -36.95 7.59 54.28
CA GLU E 96 -37.80 6.56 53.68
C GLU E 96 -37.10 6.19 52.37
N SER E 97 -37.44 5.05 51.79
CA SER E 97 -36.82 4.64 50.53
C SER E 97 -37.07 5.71 49.47
N CYS E 98 -36.09 5.93 48.60
CA CYS E 98 -36.19 6.93 47.54
C CYS E 98 -37.41 6.74 46.62
N LYS E 99 -38.10 7.85 46.36
CA LYS E 99 -39.28 7.86 45.50
C LYS E 99 -39.12 8.92 44.44
N TYR E 100 -37.91 9.11 43.95
CA TYR E 100 -37.64 10.12 42.92
C TYR E 100 -38.38 9.83 41.62
N ASN E 101 -38.97 10.87 41.05
CA ASN E 101 -39.68 10.76 39.78
C ASN E 101 -39.30 11.95 38.91
N PRO E 102 -38.69 11.69 37.74
CA PRO E 102 -38.24 12.70 36.78
C PRO E 102 -39.28 13.62 36.12
N LYS E 103 -40.55 13.27 36.20
CA LYS E 103 -41.57 14.12 35.58
C LYS E 103 -42.03 15.24 36.52
N TYR E 104 -41.60 15.17 37.77
CA TYR E 104 -41.96 16.19 38.76
C TYR E 104 -40.73 17.01 39.11
N SER E 105 -39.60 16.69 38.49
CA SER E 105 -38.37 17.42 38.72
C SER E 105 -38.62 18.85 38.28
N VAL E 106 -38.13 19.82 39.06
CA VAL E 106 -38.32 21.22 38.72
C VAL E 106 -37.02 22.01 38.83
N ALA E 107 -35.91 21.32 39.05
CA ALA E 107 -34.63 21.98 39.19
C ALA E 107 -33.47 21.06 38.86
N ASN E 108 -32.28 21.64 38.79
CA ASN E 108 -31.08 20.87 38.48
C ASN E 108 -29.86 21.78 38.54
N ASP E 109 -28.69 21.18 38.67
CA ASP E 109 -27.44 21.92 38.71
C ASP E 109 -26.37 21.09 38.01
N THR E 110 -25.33 21.77 37.53
CA THR E 110 -24.25 21.09 36.85
C THR E 110 -23.02 21.08 37.74
N GLY E 111 -23.24 20.91 39.04
CA GLY E 111 -22.13 20.89 39.98
C GLY E 111 -22.22 21.98 41.02
N PHE E 112 -21.10 22.26 41.67
CA PHE E 112 -21.06 23.29 42.70
C PHE E 112 -19.74 24.04 42.76
N VAL E 113 -19.69 25.03 43.65
CA VAL E 113 -18.51 25.86 43.83
C VAL E 113 -18.25 26.14 45.30
N ASP E 114 -17.04 25.86 45.77
CA ASP E 114 -16.68 26.13 47.15
C ASP E 114 -15.95 27.46 47.25
N ILE E 115 -16.44 28.35 48.13
CA ILE E 115 -15.84 29.67 48.31
C ILE E 115 -14.70 29.62 49.32
N PRO E 116 -13.59 30.33 49.05
CA PRO E 116 -12.44 30.36 49.96
C PRO E 116 -12.90 30.53 51.41
N LYS E 117 -12.02 30.26 52.36
CA LYS E 117 -12.37 30.35 53.77
C LYS E 117 -12.14 31.70 54.44
N GLN E 118 -12.69 32.76 53.86
CA GLN E 118 -12.56 34.09 54.43
C GLN E 118 -13.87 34.83 54.26
N GLU E 119 -14.30 35.53 55.31
CA GLU E 119 -15.55 36.28 55.26
C GLU E 119 -15.60 37.19 54.03
N LYS E 120 -14.45 37.81 53.70
CA LYS E 120 -14.36 38.70 52.55
C LYS E 120 -14.81 38.00 51.28
N ALA E 121 -14.38 36.76 51.08
CA ALA E 121 -14.76 36.02 49.88
C ALA E 121 -16.25 35.64 49.92
N LEU E 122 -16.76 35.33 51.11
CA LEU E 122 -18.17 34.98 51.24
C LEU E 122 -19.03 36.20 50.92
N MET E 123 -18.60 37.36 51.41
CA MET E 123 -19.32 38.61 51.20
C MET E 123 -19.50 38.90 49.71
N LYS E 124 -18.44 38.69 48.93
CA LYS E 124 -18.50 38.92 47.50
C LYS E 124 -19.37 37.89 46.79
N ALA E 125 -19.44 36.70 47.35
CA ALA E 125 -20.25 35.63 46.76
C ALA E 125 -21.72 35.89 47.03
N VAL E 126 -22.01 36.45 48.19
CA VAL E 126 -23.39 36.75 48.59
C VAL E 126 -23.89 37.95 47.79
N ALA E 127 -22.96 38.78 47.34
CA ALA E 127 -23.30 39.98 46.58
C ALA E 127 -23.66 39.70 45.12
N THR E 128 -22.87 38.85 44.47
CA THR E 128 -23.10 38.55 43.06
C THR E 128 -23.79 37.23 42.75
N VAL E 129 -23.87 36.32 43.72
CA VAL E 129 -24.49 35.02 43.46
C VAL E 129 -25.91 34.89 44.00
N GLY E 130 -26.09 35.25 45.26
CA GLY E 130 -27.39 35.12 45.90
C GLY E 130 -27.21 34.30 47.16
N PRO E 131 -28.28 33.70 47.70
CA PRO E 131 -28.19 32.89 48.91
C PRO E 131 -27.04 31.87 48.89
N ILE E 132 -26.17 31.97 49.89
CA ILE E 132 -25.01 31.08 50.00
C ILE E 132 -25.19 30.06 51.11
N SER E 133 -24.94 28.78 50.80
CA SER E 133 -25.07 27.71 51.79
C SER E 133 -23.86 27.74 52.71
N VAL E 134 -24.10 27.68 54.02
CA VAL E 134 -23.00 27.70 54.98
C VAL E 134 -23.20 26.75 56.16
N ALA E 135 -22.10 26.48 56.86
CA ALA E 135 -22.10 25.62 58.03
C ALA E 135 -21.64 26.47 59.21
N ILE E 136 -22.43 26.46 60.27
CA ILE E 136 -22.11 27.24 61.46
C ILE E 136 -22.06 26.40 62.75
N ASP E 137 -21.24 26.86 63.69
CA ASP E 137 -21.14 26.18 64.96
C ASP E 137 -22.35 26.63 65.78
N ALA E 138 -23.33 25.73 65.90
CA ALA E 138 -24.55 26.02 66.65
C ALA E 138 -24.60 25.12 67.87
N GLY E 139 -23.44 24.71 68.33
CA GLY E 139 -23.40 23.82 69.48
C GLY E 139 -23.55 24.48 70.83
N HIS E 140 -24.38 25.51 70.94
CA HIS E 140 -24.54 26.18 72.23
C HIS E 140 -25.97 26.50 72.65
N GLU E 141 -26.15 26.62 73.96
CA GLU E 141 -27.43 26.93 74.58
C GLU E 141 -27.96 28.28 74.09
N SER E 142 -27.05 29.21 73.86
CA SER E 142 -27.40 30.54 73.39
C SER E 142 -28.03 30.58 72.00
N PHE E 143 -27.71 29.59 71.15
CA PHE E 143 -28.25 29.55 69.80
C PHE E 143 -29.70 29.06 69.83
N LEU E 144 -29.97 28.10 70.69
CA LEU E 144 -31.32 27.55 70.81
C LEU E 144 -32.30 28.58 71.37
N PHE E 145 -31.78 29.48 72.20
CA PHE E 145 -32.61 30.50 72.83
C PHE E 145 -32.54 31.84 72.11
N TYR E 146 -31.79 31.90 71.02
CA TYR E 146 -31.68 33.14 70.26
C TYR E 146 -33.06 33.64 69.85
N LYS E 147 -33.25 34.95 69.92
CA LYS E 147 -34.54 35.52 69.52
C LYS E 147 -34.38 36.82 68.73
N GLU E 148 -33.40 37.64 69.11
CA GLU E 148 -33.18 38.91 68.41
C GLU E 148 -31.78 39.47 68.64
N GLY E 149 -31.41 40.46 67.85
CA GLY E 149 -30.10 41.08 67.98
C GLY E 149 -29.00 40.42 67.16
N ILE E 150 -27.77 40.91 67.34
CA ILE E 150 -26.62 40.35 66.63
C ILE E 150 -26.07 39.20 67.46
N TYR E 151 -26.32 37.97 67.02
CA TYR E 151 -25.85 36.81 67.75
C TYR E 151 -24.33 36.72 67.81
N PHE E 152 -23.80 36.61 69.02
CA PHE E 152 -22.36 36.49 69.24
C PHE E 152 -22.10 35.57 70.43
N GLU E 153 -21.50 34.42 70.15
CA GLU E 153 -21.18 33.43 71.19
C GLU E 153 -19.67 33.30 71.37
N PRO E 154 -19.15 33.80 72.49
CA PRO E 154 -17.72 33.75 72.83
C PRO E 154 -17.10 32.36 72.69
N ASP E 155 -17.88 31.33 72.99
CA ASP E 155 -17.39 29.95 72.93
C ASP E 155 -17.52 29.30 71.54
N CYS E 156 -17.88 30.08 70.53
CA CYS E 156 -18.01 29.52 69.19
C CYS E 156 -16.68 29.11 68.59
N SER E 157 -16.74 28.14 67.68
CA SER E 157 -15.57 27.62 67.00
C SER E 157 -15.81 27.70 65.50
N SER E 158 -14.72 27.78 64.73
CA SER E 158 -14.83 27.83 63.28
C SER E 158 -14.23 26.58 62.67
N GLU E 159 -14.24 25.50 63.44
CA GLU E 159 -13.69 24.24 62.97
C GLU E 159 -14.64 23.06 63.13
N ASP E 160 -15.55 23.14 64.10
CA ASP E 160 -16.50 22.06 64.31
C ASP E 160 -17.95 22.42 64.00
N MET E 161 -18.17 23.20 62.94
CA MET E 161 -19.54 23.58 62.56
C MET E 161 -20.41 22.34 62.59
N ASP E 162 -21.59 22.47 63.18
CA ASP E 162 -22.50 21.33 63.24
C ASP E 162 -23.86 21.64 62.62
N HIS E 163 -24.05 22.85 62.12
CA HIS E 163 -25.34 23.21 61.55
C HIS E 163 -25.31 23.87 60.18
N GLY E 164 -26.07 23.30 59.25
CA GLY E 164 -26.14 23.86 57.91
C GLY E 164 -27.26 24.88 57.79
N VAL E 165 -26.94 26.07 57.30
CA VAL E 165 -27.93 27.12 57.13
C VAL E 165 -27.76 27.85 55.80
N LEU E 166 -28.39 29.01 55.68
CA LEU E 166 -28.34 29.78 54.44
C LEU E 166 -28.11 31.28 54.71
N VAL E 167 -27.12 31.86 54.04
CA VAL E 167 -26.83 33.28 54.19
C VAL E 167 -27.56 33.96 53.05
N VAL E 168 -28.53 34.82 53.37
CA VAL E 168 -29.30 35.49 52.34
C VAL E 168 -28.91 36.94 52.17
N GLY E 169 -27.94 37.40 52.95
CA GLY E 169 -27.51 38.78 52.84
C GLY E 169 -26.68 39.25 54.02
N TYR E 170 -26.42 40.55 54.09
CA TYR E 170 -25.65 41.12 55.18
C TYR E 170 -25.88 42.62 55.30
N GLY E 171 -25.43 43.17 56.42
CA GLY E 171 -25.60 44.59 56.68
C GLY E 171 -25.06 44.95 58.04
N PHE E 172 -25.53 46.08 58.57
CA PHE E 172 -25.08 46.57 59.87
C PHE E 172 -26.23 47.34 60.54
N GLU E 173 -26.16 47.49 61.86
CA GLU E 173 -27.20 48.19 62.60
C GLU E 173 -26.73 49.57 63.06
N SER E 174 -27.63 50.54 62.96
CA SER E 174 -27.34 51.91 63.35
C SER E 174 -27.46 52.08 64.86
N ASN E 180 -21.14 45.70 65.00
CA ASN E 180 -22.51 45.95 64.59
C ASN E 180 -22.78 45.42 63.19
N LYS E 181 -21.86 44.59 62.69
CA LYS E 181 -22.00 43.98 61.37
C LYS E 181 -22.71 42.63 61.55
N TYR E 182 -23.30 42.11 60.48
CA TYR E 182 -23.98 40.81 60.59
C TYR E 182 -24.31 40.17 59.28
N TRP E 183 -24.46 38.84 59.32
CA TRP E 183 -24.83 38.07 58.14
C TRP E 183 -26.31 37.71 58.35
N LEU E 184 -27.12 37.88 57.32
CA LEU E 184 -28.52 37.53 57.41
C LEU E 184 -28.57 36.03 57.17
N VAL E 185 -28.80 35.26 58.23
CA VAL E 185 -28.86 33.82 58.11
C VAL E 185 -30.25 33.22 58.25
N LYS E 186 -30.62 32.39 57.28
CA LYS E 186 -31.91 31.71 57.27
C LYS E 186 -31.72 30.33 57.88
N ASN E 187 -32.52 30.01 58.90
CA ASN E 187 -32.43 28.71 59.57
C ASN E 187 -33.56 27.82 59.07
N SER E 188 -33.59 26.56 59.50
CA SER E 188 -34.63 25.62 59.09
C SER E 188 -35.32 25.00 60.32
N TRP E 189 -35.49 25.82 61.35
CA TRP E 189 -36.12 25.41 62.59
C TRP E 189 -37.51 26.01 62.76
N GLY E 190 -38.11 26.47 61.66
CA GLY E 190 -39.43 27.08 61.76
C GLY E 190 -39.34 28.56 62.08
N GLU E 191 -40.46 29.28 61.98
CA GLU E 191 -40.48 30.71 62.23
C GLU E 191 -40.61 31.15 63.68
N GLU E 192 -40.68 30.21 64.62
CA GLU E 192 -40.79 30.57 66.02
C GLU E 192 -39.43 30.74 66.67
N TRP E 193 -38.38 30.31 65.97
CA TRP E 193 -37.03 30.44 66.48
C TRP E 193 -36.45 31.74 65.97
N GLY E 194 -35.65 32.40 66.80
CA GLY E 194 -35.02 33.66 66.40
C GLY E 194 -35.97 34.70 65.85
N MET E 195 -35.52 35.42 64.83
CA MET E 195 -36.32 36.47 64.22
C MET E 195 -37.14 35.91 63.07
N GLY E 196 -38.30 35.34 63.40
CA GLY E 196 -39.14 34.76 62.38
C GLY E 196 -38.43 33.67 61.62
N GLY E 197 -37.59 32.90 62.33
CA GLY E 197 -36.87 31.83 61.70
C GLY E 197 -35.49 32.26 61.22
N TYR E 198 -35.19 33.54 61.38
CA TYR E 198 -33.91 34.08 60.96
C TYR E 198 -33.03 34.49 62.13
N VAL E 199 -31.77 34.77 61.82
CA VAL E 199 -30.82 35.19 62.84
C VAL E 199 -29.72 36.05 62.26
N LYS E 200 -29.34 37.07 62.99
CA LYS E 200 -28.27 37.96 62.57
C LYS E 200 -26.98 37.49 63.25
N MET E 201 -26.09 36.88 62.46
CA MET E 201 -24.81 36.38 62.95
C MET E 201 -23.71 37.42 62.82
N ALA E 202 -22.98 37.67 63.91
CA ALA E 202 -21.91 38.65 63.88
C ALA E 202 -21.05 38.44 62.65
N LYS E 203 -20.83 39.53 61.91
CA LYS E 203 -20.02 39.48 60.69
C LYS E 203 -18.74 40.27 60.86
N ASP E 204 -17.63 39.69 60.40
CA ASP E 204 -16.33 40.33 60.49
C ASP E 204 -15.78 40.38 61.91
N ARG E 205 -16.20 39.43 62.73
CA ARG E 205 -15.72 39.31 64.11
C ARG E 205 -14.78 38.11 64.14
N ARG E 206 -14.03 37.93 63.04
CA ARG E 206 -13.07 36.84 62.89
C ARG E 206 -13.73 35.49 62.58
N ASN E 207 -14.52 35.46 61.51
CA ASN E 207 -15.23 34.26 61.09
C ASN E 207 -15.93 33.62 62.28
N HIS E 208 -16.87 34.35 62.86
CA HIS E 208 -17.59 33.87 64.04
C HIS E 208 -18.37 32.58 63.79
N CYS E 209 -18.11 31.58 64.64
CA CYS E 209 -18.76 30.29 64.51
C CYS E 209 -18.41 29.69 63.15
N GLY E 210 -17.36 30.19 62.53
CA GLY E 210 -16.92 29.69 61.23
C GLY E 210 -17.93 29.82 60.11
N ILE E 211 -18.49 31.02 59.96
CA ILE E 211 -19.49 31.31 58.94
C ILE E 211 -19.03 31.07 57.50
N ALA E 212 -17.73 31.24 57.25
CA ALA E 212 -17.19 31.07 55.89
C ALA E 212 -16.27 29.88 55.72
N SER E 213 -16.33 28.92 56.64
CA SER E 213 -15.47 27.75 56.57
C SER E 213 -16.01 26.65 55.67
N ALA E 214 -17.31 26.69 55.38
CA ALA E 214 -17.93 25.67 54.54
C ALA E 214 -19.04 26.30 53.69
N ALA E 215 -18.69 27.34 52.94
CA ALA E 215 -19.63 28.06 52.11
C ALA E 215 -19.60 27.59 50.67
N SER E 216 -20.77 27.43 50.07
CA SER E 216 -20.85 26.98 48.70
C SER E 216 -22.24 27.21 48.12
N TYR E 217 -22.40 26.95 46.82
CA TYR E 217 -23.66 27.13 46.14
C TYR E 217 -23.66 26.30 44.86
N PRO E 218 -24.85 25.98 44.34
CA PRO E 218 -24.95 25.17 43.11
C PRO E 218 -24.83 26.00 41.85
N THR E 219 -24.39 25.36 40.76
CA THR E 219 -24.26 26.03 39.47
C THR E 219 -25.44 25.61 38.60
N VAL E 220 -26.19 26.59 38.10
CA VAL E 220 -27.33 26.28 37.25
C VAL E 220 -27.06 26.71 35.81
N ALA F 1 24.15 -1.37 -61.67
CA ALA F 1 25.48 -0.89 -61.18
C ALA F 1 26.25 -2.00 -60.45
N PRO F 2 27.56 -1.79 -60.24
CA PRO F 2 28.43 -2.77 -59.56
C PRO F 2 27.82 -3.37 -58.31
N ARG F 3 28.15 -4.63 -58.05
CA ARG F 3 27.66 -5.35 -56.88
C ARG F 3 28.33 -4.87 -55.60
N SER F 4 29.48 -4.20 -55.76
CA SER F 4 30.21 -3.69 -54.63
C SER F 4 31.14 -2.53 -55.02
N VAL F 5 31.32 -1.60 -54.10
CA VAL F 5 32.18 -0.44 -54.32
C VAL F 5 32.86 -0.09 -52.98
N ASP F 6 34.05 0.47 -53.05
CA ASP F 6 34.82 0.86 -51.87
C ASP F 6 35.98 1.71 -52.35
N TRP F 7 35.77 3.03 -52.38
CA TRP F 7 36.79 3.95 -52.87
C TRP F 7 38.11 3.98 -52.11
N ARG F 8 38.13 3.40 -50.91
CA ARG F 8 39.35 3.37 -50.12
C ARG F 8 40.43 2.62 -50.88
N GLU F 9 40.01 1.57 -51.58
CA GLU F 9 40.92 0.75 -52.36
C GLU F 9 41.70 1.56 -53.40
N LYS F 10 41.05 2.57 -53.99
CA LYS F 10 41.67 3.38 -55.01
C LYS F 10 42.44 4.62 -54.53
N GLY F 11 42.38 4.90 -53.23
CA GLY F 11 43.10 6.04 -52.69
C GLY F 11 42.31 7.33 -52.61
N TYR F 12 40.99 7.23 -52.69
CA TYR F 12 40.14 8.40 -52.63
C TYR F 12 39.97 8.93 -51.21
N VAL F 13 40.06 8.03 -50.24
CA VAL F 13 39.85 8.40 -48.84
C VAL F 13 41.09 8.58 -47.97
N THR F 14 41.02 9.59 -47.12
CA THR F 14 42.09 9.89 -46.18
C THR F 14 41.79 9.10 -44.91
N PRO F 15 42.75 9.01 -43.99
CA PRO F 15 42.51 8.28 -42.74
C PRO F 15 41.34 8.87 -41.98
N VAL F 16 40.81 8.10 -41.03
CA VAL F 16 39.70 8.56 -40.21
C VAL F 16 40.18 9.68 -39.29
N LYS F 17 39.41 10.74 -39.19
CA LYS F 17 39.79 11.86 -38.34
C LYS F 17 38.87 11.88 -37.12
N ASN F 18 39.13 12.81 -36.21
CA ASN F 18 38.33 12.92 -34.99
C ASN F 18 37.84 14.36 -34.81
N GLN F 19 36.53 14.54 -34.66
CA GLN F 19 35.97 15.87 -34.50
C GLN F 19 35.92 16.31 -33.05
N GLY F 20 36.27 15.39 -32.14
CA GLY F 20 36.26 15.74 -30.73
C GLY F 20 34.92 16.28 -30.24
N GLN F 21 34.96 17.00 -29.12
CA GLN F 21 33.76 17.56 -28.52
C GLN F 21 33.38 18.85 -29.24
N CYS F 22 32.84 18.69 -30.44
CA CYS F 22 32.46 19.82 -31.27
C CYS F 22 31.54 19.32 -32.39
N GLY F 23 30.37 19.93 -32.53
CA GLY F 23 29.44 19.51 -33.58
C GLY F 23 29.90 19.99 -34.95
N SER F 24 31.10 19.57 -35.34
CA SER F 24 31.67 19.96 -36.63
C SER F 24 31.61 18.82 -37.64
N CYS F 25 30.80 17.80 -37.36
CA CYS F 25 30.70 16.67 -38.26
C CYS F 25 30.41 17.11 -39.68
N TRP F 26 29.55 18.11 -39.85
CA TRP F 26 29.22 18.61 -41.19
C TRP F 26 30.49 18.99 -41.94
N ALA F 27 31.48 19.49 -41.20
CA ALA F 27 32.74 19.91 -41.79
C ALA F 27 33.59 18.73 -42.26
N PHE F 28 33.68 17.67 -41.45
CA PHE F 28 34.45 16.50 -41.83
C PHE F 28 33.83 15.74 -42.99
N SER F 29 32.51 15.83 -43.13
CA SER F 29 31.84 15.15 -44.22
C SER F 29 32.16 15.93 -45.50
N ALA F 30 32.15 17.25 -45.39
CA ALA F 30 32.43 18.12 -46.52
C ALA F 30 33.85 17.89 -47.05
N THR F 31 34.83 18.01 -46.17
CA THR F 31 36.22 17.80 -46.56
C THR F 31 36.42 16.35 -47.00
N GLY F 32 35.62 15.45 -46.46
CA GLY F 32 35.75 14.05 -46.84
C GLY F 32 35.32 13.83 -48.27
N ALA F 33 34.28 14.54 -48.68
CA ALA F 33 33.76 14.42 -50.04
C ALA F 33 34.62 15.19 -51.04
N LEU F 34 35.19 16.29 -50.59
CA LEU F 34 36.05 17.12 -51.43
C LEU F 34 37.37 16.39 -51.68
N GLU F 35 37.98 15.88 -50.61
CA GLU F 35 39.24 15.14 -50.70
C GLU F 35 39.09 14.04 -51.74
N GLY F 36 37.90 13.47 -51.81
CA GLY F 36 37.63 12.41 -52.77
C GLY F 36 37.50 12.96 -54.17
N GLN F 37 36.76 14.07 -54.32
CA GLN F 37 36.57 14.69 -55.62
C GLN F 37 37.86 15.26 -56.19
N MET F 38 38.64 15.93 -55.35
CA MET F 38 39.90 16.50 -55.81
C MET F 38 40.83 15.38 -56.26
N PHE F 39 40.60 14.17 -55.76
CA PHE F 39 41.43 13.04 -56.15
C PHE F 39 41.09 12.63 -57.57
N ARG F 40 39.82 12.33 -57.81
CA ARG F 40 39.37 11.93 -59.14
C ARG F 40 39.80 12.99 -60.15
N LYS F 41 40.19 14.16 -59.66
CA LYS F 41 40.62 15.25 -60.51
C LYS F 41 42.12 15.28 -60.73
N THR F 42 42.85 15.54 -59.65
CA THR F 42 44.31 15.64 -59.71
C THR F 42 45.04 14.30 -59.58
N GLY F 43 44.43 13.33 -58.93
CA GLY F 43 45.08 12.04 -58.75
C GLY F 43 45.90 12.01 -57.48
N ARG F 44 45.79 13.08 -56.70
CA ARG F 44 46.51 13.18 -55.43
C ARG F 44 45.51 13.35 -54.29
N LEU F 45 45.86 12.85 -53.11
CA LEU F 45 45.01 12.95 -51.95
C LEU F 45 45.63 13.92 -50.97
N ILE F 46 44.90 14.99 -50.63
CA ILE F 46 45.42 15.99 -49.71
C ILE F 46 44.44 16.35 -48.59
N SER F 47 44.83 16.05 -47.36
CA SER F 47 43.97 16.32 -46.21
C SER F 47 43.57 17.79 -46.13
N LEU F 48 42.28 18.05 -46.30
CA LEU F 48 41.74 19.40 -46.26
C LEU F 48 41.52 19.85 -44.81
N SER F 49 41.28 21.15 -44.63
CA SER F 49 41.07 21.73 -43.30
C SER F 49 39.62 21.83 -42.86
N GLU F 50 39.28 21.14 -41.77
CA GLU F 50 37.93 21.18 -41.24
C GLU F 50 37.75 22.45 -40.39
N GLN F 51 38.83 22.87 -39.75
CA GLN F 51 38.82 24.06 -38.90
C GLN F 51 38.55 25.30 -39.75
N ASN F 52 39.04 25.26 -40.98
CA ASN F 52 38.87 26.38 -41.91
C ASN F 52 37.38 26.60 -42.20
N LEU F 53 36.67 25.53 -42.50
CA LEU F 53 35.24 25.62 -42.77
C LEU F 53 34.53 26.07 -41.49
N VAL F 54 35.01 25.55 -40.36
CA VAL F 54 34.43 25.86 -39.06
C VAL F 54 34.47 27.32 -38.64
N ASP F 55 35.60 27.99 -38.86
CA ASP F 55 35.72 29.40 -38.47
C ASP F 55 35.30 30.41 -39.54
N CYS F 56 35.18 29.96 -40.79
CA CYS F 56 34.83 30.86 -41.89
C CYS F 56 33.52 30.65 -42.65
N SER F 57 32.91 29.46 -42.58
CA SER F 57 31.68 29.23 -43.33
C SER F 57 30.43 29.80 -42.69
N GLY F 58 30.60 30.60 -41.64
CA GLY F 58 29.46 31.20 -40.97
C GLY F 58 28.57 31.98 -41.94
N PRO F 59 29.15 32.87 -42.75
CA PRO F 59 28.39 33.66 -43.72
C PRO F 59 27.59 32.81 -44.70
N GLN F 60 27.81 31.49 -44.66
CA GLN F 60 27.11 30.58 -45.56
C GLN F 60 25.98 29.85 -44.84
N GLY F 61 25.82 30.10 -43.54
CA GLY F 61 24.76 29.45 -42.79
C GLY F 61 25.20 28.45 -41.73
N ASN F 62 26.49 28.16 -41.64
CA ASN F 62 26.97 27.22 -40.65
C ASN F 62 27.17 27.87 -39.30
N GLU F 63 27.11 27.04 -38.25
CA GLU F 63 27.24 27.52 -36.89
C GLU F 63 28.36 26.90 -36.06
N GLY F 64 29.59 26.92 -36.58
CA GLY F 64 30.72 26.37 -35.86
C GLY F 64 30.54 25.00 -35.21
N CYS F 65 30.82 24.90 -33.91
CA CYS F 65 30.66 23.63 -33.20
C CYS F 65 29.20 23.37 -32.84
N ASN F 66 28.33 24.30 -33.20
CA ASN F 66 26.91 24.16 -32.91
C ASN F 66 26.13 23.61 -34.08
N GLY F 67 26.80 23.37 -35.21
CA GLY F 67 26.10 22.82 -36.34
C GLY F 67 26.42 23.43 -37.69
N GLY F 68 25.92 22.80 -38.74
CA GLY F 68 26.13 23.27 -40.10
C GLY F 68 25.67 22.23 -41.10
N LEU F 69 25.84 22.52 -42.38
CA LEU F 69 25.46 21.60 -43.44
C LEU F 69 26.67 21.44 -44.34
N MET F 70 26.75 20.31 -45.03
CA MET F 70 27.86 20.06 -45.94
C MET F 70 27.73 20.96 -47.17
N ASP F 71 26.50 21.15 -47.64
CA ASP F 71 26.27 22.01 -48.80
C ASP F 71 26.69 23.44 -48.48
N TYR F 72 26.45 23.87 -47.25
CA TYR F 72 26.83 25.21 -46.82
C TYR F 72 28.33 25.36 -46.90
N ALA F 73 29.05 24.34 -46.44
CA ALA F 73 30.52 24.35 -46.47
C ALA F 73 31.02 24.38 -47.92
N PHE F 74 30.37 23.62 -48.79
CA PHE F 74 30.78 23.60 -50.19
C PHE F 74 30.62 25.00 -50.75
N GLN F 75 29.46 25.60 -50.51
CA GLN F 75 29.18 26.95 -50.96
C GLN F 75 30.35 27.81 -50.49
N TYR F 76 30.70 27.70 -49.23
CA TYR F 76 31.80 28.47 -48.68
C TYR F 76 33.03 28.37 -49.59
N VAL F 77 33.45 27.15 -49.88
CA VAL F 77 34.62 26.93 -50.73
C VAL F 77 34.45 27.57 -52.10
N GLN F 78 33.21 27.71 -52.55
CA GLN F 78 32.94 28.32 -53.84
C GLN F 78 33.02 29.85 -53.71
N ASP F 79 32.27 30.41 -52.76
CA ASP F 79 32.27 31.85 -52.54
C ASP F 79 33.63 32.30 -52.02
N ASN F 80 34.46 31.33 -51.66
CA ASN F 80 35.79 31.62 -51.13
C ASN F 80 36.86 31.23 -52.16
N GLY F 81 36.44 30.46 -53.16
CA GLY F 81 37.37 30.02 -54.20
C GLY F 81 38.68 29.51 -53.64
N GLY F 82 38.60 28.48 -52.81
CA GLY F 82 39.80 27.92 -52.20
C GLY F 82 39.61 27.50 -50.76
N LEU F 83 40.36 26.49 -50.35
CA LEU F 83 40.28 25.96 -48.99
C LEU F 83 41.67 25.56 -48.51
N ASP F 84 42.00 25.90 -47.27
CA ASP F 84 43.30 25.58 -46.73
C ASP F 84 43.49 24.09 -46.42
N SER F 85 44.74 23.67 -46.41
CA SER F 85 45.09 22.27 -46.15
C SER F 85 44.96 21.99 -44.66
N GLU F 86 44.95 20.72 -44.29
CA GLU F 86 44.85 20.33 -42.89
C GLU F 86 46.12 20.79 -42.20
N GLU F 87 47.24 20.63 -42.90
CA GLU F 87 48.55 21.01 -42.38
C GLU F 87 48.58 22.49 -42.05
N SER F 88 48.24 23.33 -43.03
CA SER F 88 48.24 24.78 -42.85
C SER F 88 47.20 25.31 -41.87
N TYR F 89 46.02 24.69 -41.86
CA TYR F 89 44.95 25.12 -40.98
C TYR F 89 44.55 23.97 -40.04
N PRO F 90 45.30 23.79 -38.94
CA PRO F 90 45.08 22.74 -37.94
C PRO F 90 43.69 22.75 -37.30
N TYR F 91 43.22 21.57 -36.92
CA TYR F 91 41.91 21.42 -36.30
C TYR F 91 42.07 21.70 -34.81
N GLU F 92 41.09 22.38 -34.21
CA GLU F 92 41.16 22.72 -32.79
C GLU F 92 39.93 22.33 -31.96
N ALA F 93 38.93 21.75 -32.62
CA ALA F 93 37.71 21.32 -31.94
C ALA F 93 36.96 22.46 -31.25
N THR F 94 37.09 23.66 -31.80
CA THR F 94 36.40 24.84 -31.28
C THR F 94 36.52 25.95 -32.31
N GLU F 95 35.54 26.85 -32.34
CA GLU F 95 35.56 27.93 -33.31
C GLU F 95 36.41 29.12 -32.89
N GLU F 96 37.26 29.56 -33.82
CA GLU F 96 38.13 30.71 -33.62
C GLU F 96 37.77 31.65 -34.76
N SER F 97 38.46 32.79 -34.85
CA SER F 97 38.19 33.72 -35.93
C SER F 97 38.78 33.15 -37.22
N CYS F 98 38.20 33.50 -38.35
CA CYS F 98 38.68 33.00 -39.64
C CYS F 98 40.11 33.42 -39.96
N LYS F 99 40.98 32.43 -40.14
CA LYS F 99 42.39 32.65 -40.45
C LYS F 99 42.71 32.15 -41.84
N TYR F 100 41.73 32.23 -42.74
CA TYR F 100 41.92 31.76 -44.11
C TYR F 100 43.10 32.46 -44.78
N ASN F 101 43.66 31.81 -45.79
CA ASN F 101 44.79 32.34 -46.56
C ASN F 101 44.92 31.59 -47.88
N PRO F 102 44.65 32.28 -49.00
CA PRO F 102 44.72 31.69 -50.35
C PRO F 102 46.03 31.06 -50.80
N LYS F 103 47.13 31.39 -50.11
CA LYS F 103 48.43 30.81 -50.48
C LYS F 103 48.51 29.35 -50.07
N TYR F 104 47.82 29.00 -48.99
CA TYR F 104 47.80 27.64 -48.49
C TYR F 104 46.53 26.91 -48.94
N SER F 105 46.08 27.26 -50.14
CA SER F 105 44.89 26.66 -50.73
C SER F 105 45.30 25.42 -51.51
N VAL F 106 44.52 24.35 -51.40
CA VAL F 106 44.82 23.12 -52.11
C VAL F 106 43.63 22.58 -52.88
N ALA F 107 42.42 22.78 -52.33
CA ALA F 107 41.23 22.29 -53.00
C ALA F 107 40.26 23.42 -53.33
N ASN F 108 39.33 23.13 -54.23
CA ASN F 108 38.35 24.11 -54.66
C ASN F 108 37.19 23.44 -55.39
N ASP F 109 35.99 23.93 -55.14
CA ASP F 109 34.81 23.40 -55.80
C ASP F 109 34.06 24.55 -56.44
N THR F 110 33.14 24.20 -57.33
CA THR F 110 32.35 25.19 -58.03
C THR F 110 30.89 24.76 -57.94
N GLY F 111 30.39 24.68 -56.72
CA GLY F 111 29.00 24.28 -56.53
C GLY F 111 28.89 22.89 -55.92
N PHE F 112 27.70 22.30 -56.04
CA PHE F 112 27.46 20.97 -55.50
C PHE F 112 26.19 20.36 -56.10
N VAL F 113 26.02 19.07 -55.87
CA VAL F 113 24.88 18.35 -56.40
C VAL F 113 24.12 17.58 -55.34
N ASP F 114 22.81 17.84 -55.23
CA ASP F 114 21.99 17.11 -54.28
C ASP F 114 21.39 15.92 -55.00
N ILE F 115 21.50 14.75 -54.38
CA ILE F 115 21.02 13.50 -54.96
C ILE F 115 19.59 13.21 -54.54
N PRO F 116 18.76 12.75 -55.49
CA PRO F 116 17.36 12.43 -55.17
C PRO F 116 17.32 11.64 -53.86
N LYS F 117 16.17 11.64 -53.19
CA LYS F 117 16.06 10.95 -51.91
C LYS F 117 15.60 9.49 -51.93
N GLN F 118 16.40 8.65 -52.59
CA GLN F 118 16.11 7.22 -52.66
C GLN F 118 17.45 6.49 -52.63
N GLU F 119 17.49 5.36 -51.94
CA GLU F 119 18.73 4.58 -51.86
C GLU F 119 19.28 4.23 -53.24
N LYS F 120 18.39 3.86 -54.16
CA LYS F 120 18.79 3.50 -55.51
C LYS F 120 19.61 4.61 -56.17
N ALA F 121 19.18 5.86 -56.00
CA ALA F 121 19.89 7.00 -56.57
C ALA F 121 21.25 7.21 -55.92
N LEU F 122 21.32 7.00 -54.61
CA LEU F 122 22.58 7.17 -53.89
C LEU F 122 23.59 6.13 -54.38
N MET F 123 23.13 4.89 -54.54
CA MET F 123 24.00 3.82 -55.01
C MET F 123 24.65 4.19 -56.33
N LYS F 124 23.87 4.76 -57.23
CA LYS F 124 24.38 5.15 -58.53
C LYS F 124 25.45 6.23 -58.42
N ALA F 125 25.24 7.17 -57.50
CA ALA F 125 26.20 8.26 -57.31
C ALA F 125 27.51 7.76 -56.73
N VAL F 126 27.40 6.92 -55.70
CA VAL F 126 28.57 6.34 -55.05
C VAL F 126 29.41 5.55 -56.04
N ALA F 127 28.75 4.94 -57.02
CA ALA F 127 29.42 4.14 -58.02
C ALA F 127 30.20 4.94 -59.07
N THR F 128 29.62 6.02 -59.54
CA THR F 128 30.26 6.82 -60.58
C THR F 128 30.84 8.16 -60.15
N VAL F 129 30.80 8.48 -58.86
CA VAL F 129 31.32 9.77 -58.41
C VAL F 129 32.42 9.68 -57.36
N GLY F 130 32.24 8.77 -56.40
CA GLY F 130 33.20 8.61 -55.33
C GLY F 130 32.51 8.83 -54.01
N PRO F 131 33.26 9.13 -52.93
CA PRO F 131 32.65 9.36 -51.61
C PRO F 131 31.51 10.37 -51.63
N ILE F 132 30.37 9.97 -51.06
CA ILE F 132 29.19 10.82 -51.00
C ILE F 132 28.90 11.30 -49.58
N SER F 133 28.66 12.60 -49.41
CA SER F 133 28.35 13.16 -48.11
C SER F 133 26.90 12.86 -47.76
N VAL F 134 26.66 12.27 -46.60
CA VAL F 134 25.30 11.95 -46.19
C VAL F 134 25.02 12.32 -44.73
N ALA F 135 23.74 12.37 -44.38
CA ALA F 135 23.33 12.67 -43.02
C ALA F 135 22.59 11.45 -42.49
N ILE F 136 22.91 11.06 -41.26
CA ILE F 136 22.29 9.88 -40.67
C ILE F 136 21.71 10.13 -39.28
N ASP F 137 20.66 9.38 -38.96
CA ASP F 137 20.03 9.47 -37.66
C ASP F 137 20.88 8.61 -36.72
N ALA F 138 21.78 9.26 -35.99
CA ALA F 138 22.66 8.57 -35.05
C ALA F 138 22.18 8.92 -33.66
N GLY F 139 20.90 9.26 -33.54
CA GLY F 139 20.35 9.64 -32.26
C GLY F 139 20.05 8.53 -31.29
N HIS F 140 20.85 7.47 -31.28
CA HIS F 140 20.59 6.37 -30.36
C HIS F 140 21.80 5.77 -29.66
N GLU F 141 21.53 5.18 -28.51
CA GLU F 141 22.54 4.55 -27.68
C GLU F 141 23.34 3.49 -28.44
N SER F 142 22.66 2.74 -29.30
CA SER F 142 23.32 1.69 -30.07
C SER F 142 24.31 2.18 -31.13
N PHE F 143 24.19 3.44 -31.54
CA PHE F 143 25.13 3.95 -32.52
C PHE F 143 26.43 4.25 -31.81
N LEU F 144 26.32 4.79 -30.60
CA LEU F 144 27.49 5.12 -29.81
C LEU F 144 28.32 3.91 -29.39
N PHE F 145 27.66 2.77 -29.23
CA PHE F 145 28.35 1.55 -28.81
C PHE F 145 28.65 0.60 -29.95
N TYR F 146 28.42 1.05 -31.18
CA TYR F 146 28.68 0.24 -32.35
C TYR F 146 30.13 -0.23 -32.38
N LYS F 147 30.32 -1.52 -32.60
CA LYS F 147 31.66 -2.10 -32.65
C LYS F 147 31.92 -2.68 -34.02
N GLU F 148 31.01 -3.54 -34.49
CA GLU F 148 31.13 -4.18 -35.80
C GLU F 148 29.82 -4.82 -36.26
N GLY F 149 29.79 -5.26 -37.52
CA GLY F 149 28.61 -5.88 -38.08
C GLY F 149 27.77 -4.89 -38.88
N ILE F 150 26.65 -5.36 -39.42
CA ILE F 150 25.76 -4.49 -40.17
C ILE F 150 24.84 -3.81 -39.17
N TYR F 151 25.03 -2.51 -39.00
CA TYR F 151 24.23 -1.74 -38.05
C TYR F 151 22.76 -1.61 -38.45
N PHE F 152 21.87 -1.84 -37.50
CA PHE F 152 20.43 -1.73 -37.75
C PHE F 152 19.67 -1.37 -36.49
N GLU F 153 19.21 -0.12 -36.40
CA GLU F 153 18.47 0.37 -35.25
C GLU F 153 16.97 0.43 -35.57
N PRO F 154 16.17 -0.45 -34.95
CA PRO F 154 14.73 -0.50 -35.17
C PRO F 154 14.04 0.84 -34.94
N ASP F 155 14.66 1.70 -34.14
CA ASP F 155 14.08 2.99 -33.82
C ASP F 155 14.57 4.14 -34.70
N CYS F 156 15.40 3.82 -35.70
CA CYS F 156 15.91 4.86 -36.59
C CYS F 156 14.82 5.55 -37.38
N SER F 157 15.05 6.82 -37.68
CA SER F 157 14.11 7.65 -38.43
C SER F 157 14.83 8.18 -39.67
N SER F 158 14.06 8.47 -40.72
CA SER F 158 14.66 8.98 -41.94
C SER F 158 14.31 10.45 -42.17
N GLU F 159 13.94 11.15 -41.10
CA GLU F 159 13.59 12.56 -41.24
C GLU F 159 14.34 13.46 -40.28
N ASP F 160 14.87 12.91 -39.19
CA ASP F 160 15.58 13.72 -38.22
C ASP F 160 17.07 13.44 -38.10
N MET F 161 17.71 13.10 -39.22
CA MET F 161 19.15 12.83 -39.22
C MET F 161 19.87 13.90 -38.41
N ASP F 162 20.74 13.49 -37.51
CA ASP F 162 21.47 14.46 -36.72
C ASP F 162 22.97 14.34 -36.93
N HIS F 163 23.41 13.35 -37.69
CA HIS F 163 24.83 13.16 -37.90
C HIS F 163 25.35 13.13 -39.33
N GLY F 164 26.30 14.01 -39.63
CA GLY F 164 26.88 14.07 -40.97
C GLY F 164 28.12 13.18 -41.08
N VAL F 165 28.07 12.23 -42.02
CA VAL F 165 29.18 11.32 -42.23
C VAL F 165 29.53 11.21 -43.71
N LEU F 166 30.17 10.12 -44.10
CA LEU F 166 30.58 9.92 -45.50
C LEU F 166 30.39 8.47 -45.94
N VAL F 167 29.78 8.28 -47.11
CA VAL F 167 29.57 6.93 -47.64
C VAL F 167 30.66 6.73 -48.67
N VAL F 168 31.51 5.72 -48.45
CA VAL F 168 32.60 5.45 -49.38
C VAL F 168 32.38 4.21 -50.23
N GLY F 169 31.29 3.49 -49.98
CA GLY F 169 31.03 2.30 -50.77
C GLY F 169 29.82 1.51 -50.30
N TYR F 170 29.71 0.30 -50.84
CA TYR F 170 28.61 -0.59 -50.48
C TYR F 170 28.92 -2.01 -50.94
N GLY F 171 28.29 -2.97 -50.29
CA GLY F 171 28.50 -4.36 -50.64
C GLY F 171 27.54 -5.19 -49.80
N PHE F 172 27.89 -6.45 -49.59
CA PHE F 172 27.04 -7.33 -48.80
C PHE F 172 27.89 -8.36 -48.06
N GLU F 173 27.29 -9.05 -47.09
CA GLU F 173 28.01 -10.06 -46.34
C GLU F 173 27.49 -11.45 -46.70
N SER F 174 28.40 -12.36 -47.06
CA SER F 174 28.03 -13.71 -47.44
C SER F 174 27.33 -14.46 -46.31
N ASN F 180 21.56 -8.64 -45.50
CA ASN F 180 23.00 -8.73 -45.56
C ASN F 180 23.64 -7.60 -46.37
N LYS F 181 22.82 -6.61 -46.74
CA LYS F 181 23.28 -5.44 -47.50
C LYS F 181 23.78 -4.36 -46.53
N TYR F 182 24.61 -3.44 -47.03
CA TYR F 182 25.14 -2.37 -46.20
C TYR F 182 25.89 -1.29 -46.98
N TRP F 183 25.94 -0.09 -46.39
CA TRP F 183 26.68 1.02 -46.99
C TRP F 183 27.98 1.19 -46.20
N LEU F 184 29.07 1.47 -46.90
CA LEU F 184 30.36 1.69 -46.25
C LEU F 184 30.40 3.15 -45.83
N VAL F 185 30.34 3.38 -44.53
CA VAL F 185 30.32 4.74 -44.01
C VAL F 185 31.49 5.14 -43.14
N LYS F 186 32.13 6.24 -43.51
CA LYS F 186 33.24 6.78 -42.74
C LYS F 186 32.65 7.77 -41.74
N ASN F 187 33.15 7.73 -40.51
CA ASN F 187 32.68 8.60 -39.44
C ASN F 187 33.83 9.51 -39.03
N SER F 188 33.56 10.48 -38.15
CA SER F 188 34.60 11.41 -37.69
C SER F 188 34.79 11.38 -36.16
N TRP F 189 34.66 10.19 -35.60
CA TRP F 189 34.79 9.99 -34.16
C TRP F 189 36.06 9.21 -33.77
N GLY F 190 37.10 9.29 -34.59
CA GLY F 190 38.33 8.57 -34.30
C GLY F 190 38.26 7.10 -34.69
N GLU F 191 39.40 6.41 -34.64
CA GLU F 191 39.44 5.00 -35.03
C GLU F 191 39.09 4.02 -33.91
N GLU F 192 38.76 4.52 -32.73
CA GLU F 192 38.41 3.61 -31.64
C GLU F 192 36.91 3.32 -31.58
N TRP F 193 36.17 3.91 -32.51
CA TRP F 193 34.74 3.70 -32.59
C TRP F 193 34.45 2.77 -33.77
N GLY F 194 33.39 1.96 -33.65
CA GLY F 194 33.05 1.05 -34.72
C GLY F 194 34.21 0.28 -35.32
N MET F 195 34.17 0.07 -36.64
CA MET F 195 35.22 -0.66 -37.33
C MET F 195 36.34 0.26 -37.77
N GLY F 196 37.30 0.50 -36.88
CA GLY F 196 38.41 1.38 -37.22
C GLY F 196 37.88 2.74 -37.60
N GLY F 197 36.78 3.13 -36.98
CA GLY F 197 36.20 4.43 -37.27
C GLY F 197 35.15 4.36 -38.36
N TYR F 198 34.92 3.16 -38.87
CA TYR F 198 33.92 2.97 -39.92
C TYR F 198 32.74 2.17 -39.43
N VAL F 199 31.67 2.19 -40.22
CA VAL F 199 30.46 1.46 -39.87
C VAL F 199 29.74 0.96 -41.10
N LYS F 200 29.17 -0.24 -40.99
CA LYS F 200 28.41 -0.83 -42.07
C LYS F 200 26.93 -0.61 -41.78
N MET F 201 26.37 0.43 -42.41
CA MET F 201 24.96 0.79 -42.23
C MET F 201 24.05 -0.05 -43.14
N ALA F 202 23.03 -0.67 -42.55
CA ALA F 202 22.10 -1.50 -43.33
C ALA F 202 21.68 -0.78 -44.61
N LYS F 203 21.76 -1.48 -45.73
CA LYS F 203 21.41 -0.89 -47.02
C LYS F 203 20.18 -1.56 -47.63
N ASP F 204 19.32 -0.75 -48.23
CA ASP F 204 18.11 -1.26 -48.86
C ASP F 204 17.13 -1.84 -47.83
N ARG F 205 17.18 -1.29 -46.62
CA ARG F 205 16.28 -1.70 -45.55
C ARG F 205 15.27 -0.57 -45.38
N ARG F 206 14.93 0.08 -46.49
CA ARG F 206 13.98 1.19 -46.55
C ARG F 206 14.60 2.50 -46.06
N ASN F 207 15.73 2.88 -46.65
CA ASN F 207 16.43 4.11 -46.29
C ASN F 207 16.60 4.17 -44.77
N HIS F 208 17.37 3.22 -44.24
CA HIS F 208 17.60 3.12 -42.80
C HIS F 208 18.31 4.34 -42.21
N CYS F 209 17.71 4.91 -41.17
CA CYS F 209 18.27 6.09 -40.53
C CYS F 209 18.39 7.19 -41.58
N GLY F 210 17.58 7.08 -42.63
CA GLY F 210 17.59 8.07 -43.69
C GLY F 210 18.93 8.39 -44.31
N ILE F 211 19.65 7.34 -44.75
CA ILE F 211 20.97 7.50 -45.35
C ILE F 211 20.97 8.20 -46.69
N ALA F 212 19.82 8.22 -47.38
CA ALA F 212 19.74 8.87 -48.69
C ALA F 212 18.84 10.09 -48.71
N SER F 213 18.56 10.65 -47.54
CA SER F 213 17.69 11.81 -47.45
C SER F 213 18.43 13.14 -47.57
N ALA F 214 19.74 13.12 -47.39
CA ALA F 214 20.52 14.34 -47.49
C ALA F 214 21.89 14.08 -48.11
N ALA F 215 21.89 13.31 -49.19
CA ALA F 215 23.12 12.94 -49.90
C ALA F 215 23.51 13.99 -50.93
N SER F 216 24.81 14.27 -51.01
CA SER F 216 25.32 15.24 -51.96
C SER F 216 26.84 15.18 -52.04
N TYR F 217 27.40 15.99 -52.95
CA TYR F 217 28.84 16.03 -53.14
C TYR F 217 29.25 17.31 -53.84
N PRO F 218 30.50 17.75 -53.62
CA PRO F 218 30.99 18.98 -54.26
C PRO F 218 31.41 18.72 -55.71
N THR F 219 31.26 19.72 -56.56
CA THR F 219 31.65 19.59 -57.96
C THR F 219 33.03 20.23 -58.09
N VAL F 220 33.92 19.57 -58.84
CA VAL F 220 35.27 20.07 -59.04
C VAL F 220 35.62 20.19 -60.52
#